data_4Z7L
#
_entry.id   4Z7L
#
_cell.length_a   180.570
_cell.length_b   180.570
_cell.length_c   119.022
_cell.angle_alpha   90.00
_cell.angle_beta   90.00
_cell.angle_gamma   120.00
#
_symmetry.space_group_name_H-M   'P 64'
#
loop_
_entity.id
_entity.type
_entity.pdbx_description
1 polymer Cas6b
2 polymer "RNA (5'-R(*GP*CP*AP*AP*AP*AP*UP*AP*AP*CP*AP*AP*GP*C)-3')"
3 non-polymer 'SULFATE ION'
#
loop_
_entity_poly.entity_id
_entity_poly.type
_entity_poly.pdbx_seq_one_letter_code
_entity_poly.pdbx_strand_id
1 'polypeptide(L)'
;MDLEYMHISYPNILLNMRDGSKLRGYFAKKYIDEEIVHNHRDNAFVYKYPQIQFKIIDRSPLIIGIGSLGINFLESKRIF
FEKELIISNDTNDITEVNVHKDMDHFGTTDKILKYQFKTPWMALNAKNSEIYKNSDEIDREEFLKRVLIGNILSMSKSLG
YTIEEKLKVKINLKEVPVKFKNQNMVGFRGEFYINFDIPQYLGIGRNVSRGFGTVVKV
;
A,B,D,G,E,H
2 'polyribonucleotide' GCAAAAUAACAAGC C,F,I
#
loop_
_chem_comp.id
_chem_comp.type
_chem_comp.name
_chem_comp.formula
A RNA linking ADENOSINE-5'-MONOPHOSPHATE 'C10 H14 N5 O7 P'
C RNA linking CYTIDINE-5'-MONOPHOSPHATE 'C9 H14 N3 O8 P'
G RNA linking GUANOSINE-5'-MONOPHOSPHATE 'C10 H14 N5 O8 P'
SO4 non-polymer 'SULFATE ION' 'O4 S -2'
U RNA linking URIDINE-5'-MONOPHOSPHATE 'C9 H13 N2 O9 P'
#
# COMPACT_ATOMS: atom_id res chain seq x y z
N MET A 1 21.57 6.85 55.98
CA MET A 1 21.87 5.73 55.08
C MET A 1 23.00 6.06 54.11
N ASP A 2 23.77 5.03 53.78
CA ASP A 2 24.82 5.11 52.78
C ASP A 2 24.48 4.14 51.66
N LEU A 3 24.89 4.48 50.44
CA LEU A 3 24.61 3.65 49.27
C LEU A 3 25.93 3.25 48.64
N GLU A 4 26.12 1.93 48.48
CA GLU A 4 27.33 1.40 47.89
C GLU A 4 27.12 1.24 46.40
N TYR A 5 28.15 1.52 45.62
CA TYR A 5 27.99 1.46 44.17
C TYR A 5 29.32 1.24 43.46
N MET A 6 29.23 0.66 42.26
CA MET A 6 30.36 0.54 41.35
C MET A 6 30.06 1.31 40.08
N HIS A 7 31.02 2.11 39.63
CA HIS A 7 30.97 2.80 38.35
C HIS A 7 31.96 2.11 37.40
N ILE A 8 31.51 1.72 36.21
CA ILE A 8 32.43 1.21 35.19
C ILE A 8 32.27 2.03 33.92
N SER A 9 33.34 2.74 33.54
CA SER A 9 33.36 3.58 32.35
C SER A 9 34.37 3.02 31.35
N TYR A 10 34.03 3.12 30.06
CA TYR A 10 34.88 2.65 28.96
C TYR A 10 35.38 3.84 28.14
N PRO A 11 36.34 4.61 28.67
CA PRO A 11 36.59 5.95 28.10
C PRO A 11 37.00 5.94 26.63
N ASN A 12 37.98 5.11 26.27
CA ASN A 12 38.46 5.08 24.89
C ASN A 12 37.31 4.95 23.89
N ILE A 13 36.31 4.14 24.20
CA ILE A 13 35.17 3.97 23.31
C ILE A 13 34.29 5.21 23.39
N LEU A 14 33.74 5.61 22.26
CA LEU A 14 32.75 6.68 22.28
C LEU A 14 31.69 6.45 21.23
N LEU A 15 30.43 6.55 21.66
CA LEU A 15 29.26 6.18 20.88
C LEU A 15 28.37 7.40 20.76
N ASN A 16 27.41 7.34 19.84
CA ASN A 16 26.46 8.42 19.74
C ASN A 16 25.68 8.54 21.04
N MET A 17 25.26 9.76 21.34
CA MET A 17 24.49 10.00 22.55
C MET A 17 23.13 9.30 22.48
N ARG A 18 22.61 8.94 23.65
CA ARG A 18 21.35 8.19 23.76
C ARG A 18 21.39 6.93 22.89
N ASP A 19 22.54 6.26 22.90
CA ASP A 19 22.67 4.88 22.43
C ASP A 19 22.60 3.87 23.57
N GLY A 20 22.21 4.31 24.77
CA GLY A 20 22.22 3.43 25.93
C GLY A 20 21.47 2.12 25.72
N SER A 21 20.29 2.20 25.09
CA SER A 21 19.52 0.99 24.79
C SER A 21 20.37 -0.04 24.04
N LYS A 22 21.08 0.38 22.98
CA LYS A 22 22.01 -0.52 22.31
C LYS A 22 23.02 -1.11 23.30
N LEU A 23 23.70 -0.24 24.05
CA LEU A 23 24.69 -0.68 25.02
C LEU A 23 24.09 -1.67 26.01
N ARG A 24 23.01 -1.24 26.66
CA ARG A 24 22.33 -2.09 27.63
C ARG A 24 21.79 -3.36 26.98
N GLY A 25 21.39 -3.27 25.72
CA GLY A 25 20.96 -4.42 24.95
C GLY A 25 21.99 -5.53 24.82
N TYR A 26 23.16 -5.19 24.27
CA TYR A 26 24.27 -6.14 24.13
C TYR A 26 24.61 -6.80 25.46
N PHE A 27 24.89 -5.99 26.48
CA PHE A 27 25.26 -6.55 27.78
C PHE A 27 24.23 -7.54 28.29
N ALA A 28 22.96 -7.31 27.98
CA ALA A 28 21.90 -8.19 28.46
C ALA A 28 21.73 -9.40 27.57
N LYS A 29 21.98 -9.26 26.26
CA LYS A 29 21.88 -10.40 25.37
C LYS A 29 22.98 -11.42 25.66
N LYS A 30 24.19 -10.94 25.94
CA LYS A 30 25.31 -11.83 26.18
C LYS A 30 25.19 -12.51 27.55
N TYR A 31 24.89 -11.74 28.59
CA TYR A 31 24.71 -12.28 29.94
C TYR A 31 23.24 -12.63 30.14
N ILE A 32 22.77 -13.53 29.29
CA ILE A 32 21.34 -13.82 29.14
C ILE A 32 20.70 -14.33 30.43
N ASP A 33 21.39 -15.17 31.21
CA ASP A 33 20.75 -15.76 32.38
C ASP A 33 20.80 -14.96 33.69
N GLU A 34 21.56 -13.86 33.78
CA GLU A 34 21.69 -13.18 35.06
C GLU A 34 20.38 -12.61 35.59
N GLU A 35 19.61 -11.95 34.74
CA GLU A 35 18.28 -11.42 35.04
C GLU A 35 18.38 -10.15 35.87
N ILE A 36 19.59 -9.69 36.19
CA ILE A 36 19.73 -8.42 36.91
C ILE A 36 20.15 -7.35 35.92
N VAL A 37 20.75 -7.73 34.80
CA VAL A 37 21.10 -6.78 33.74
C VAL A 37 19.87 -6.45 32.91
N HIS A 38 19.20 -7.48 32.37
CA HIS A 38 17.90 -7.34 31.74
C HIS A 38 16.86 -7.84 32.75
N ASN A 39 15.70 -7.19 32.76
CA ASN A 39 14.78 -7.38 33.88
C ASN A 39 13.60 -8.33 33.67
N HIS A 40 13.46 -9.02 32.54
CA HIS A 40 12.42 -10.05 32.51
C HIS A 40 12.79 -11.18 33.48
N ARG A 41 11.88 -11.50 34.39
CA ARG A 41 12.05 -12.64 35.30
C ARG A 41 11.25 -13.81 34.79
N ASP A 42 11.94 -14.75 34.16
CA ASP A 42 11.28 -15.77 33.35
C ASP A 42 10.28 -15.07 32.45
N ASN A 43 9.00 -15.38 32.60
CA ASN A 43 7.99 -14.80 31.73
C ASN A 43 7.63 -13.36 32.14
N ALA A 44 7.45 -13.12 33.44
CA ALA A 44 7.15 -11.80 33.96
C ALA A 44 8.36 -10.86 33.90
N PHE A 45 8.06 -9.56 33.99
CA PHE A 45 9.05 -8.52 34.25
C PHE A 45 9.27 -8.40 35.75
N VAL A 46 10.21 -7.54 36.16
CA VAL A 46 10.40 -7.19 37.57
C VAL A 46 10.28 -5.69 37.76
N TYR A 47 9.45 -5.30 38.73
CA TYR A 47 9.19 -3.90 39.01
C TYR A 47 9.96 -3.54 40.28
N LYS A 48 11.00 -2.73 40.11
CA LYS A 48 11.88 -2.27 41.18
C LYS A 48 12.91 -1.36 40.53
N TYR A 49 13.53 -0.52 41.34
CA TYR A 49 14.57 0.34 40.82
C TYR A 49 15.67 -0.55 40.27
N PRO A 50 15.98 -0.50 38.98
CA PRO A 50 17.07 -1.33 38.45
C PRO A 50 18.41 -0.90 39.03
N GLN A 51 19.10 -1.85 39.65
CA GLN A 51 20.34 -1.55 40.34
C GLN A 51 21.54 -1.90 39.48
N ILE A 52 21.30 -2.25 38.21
CA ILE A 52 22.30 -2.26 37.17
C ILE A 52 21.78 -1.33 36.08
N GLN A 53 22.49 -0.26 35.81
CA GLN A 53 22.09 0.68 34.78
C GLN A 53 23.21 0.89 33.78
N PHE A 54 22.82 1.14 32.54
CA PHE A 54 23.76 1.40 31.46
C PHE A 54 23.47 2.77 30.89
N LYS A 55 24.52 3.59 30.73
CA LYS A 55 24.37 4.92 30.20
C LYS A 55 25.47 5.18 29.18
N ILE A 56 25.22 6.15 28.31
CA ILE A 56 26.30 6.84 27.61
C ILE A 56 26.27 8.29 28.07
N ILE A 57 27.41 8.77 28.56
CA ILE A 57 27.52 10.07 29.19
C ILE A 57 28.79 10.70 28.65
N ASP A 58 28.67 11.89 28.05
CA ASP A 58 29.82 12.56 27.46
C ASP A 58 30.46 11.67 26.40
N ARG A 59 29.61 10.99 25.64
CA ARG A 59 29.93 10.07 24.55
C ARG A 59 30.56 8.76 25.01
N SER A 60 30.84 8.59 26.30
CA SER A 60 31.45 7.32 26.65
C SER A 60 30.48 6.41 27.41
N PRO A 61 30.63 5.10 27.29
CA PRO A 61 29.75 4.17 28.01
C PRO A 61 30.01 4.20 29.51
N LEU A 62 28.93 4.11 30.27
CA LEU A 62 28.98 4.07 31.73
C LEU A 62 28.07 2.95 32.20
N ILE A 63 28.61 2.01 32.95
CA ILE A 63 27.85 0.93 33.58
C ILE A 63 27.79 1.20 35.07
N ILE A 64 26.59 1.17 35.62
CA ILE A 64 26.36 1.48 37.03
C ILE A 64 25.79 0.28 37.74
N GLY A 65 26.21 0.09 38.98
CA GLY A 65 25.67 -0.95 39.83
C GLY A 65 25.57 -0.43 41.25
N ILE A 66 24.61 -0.97 41.99
CA ILE A 66 24.15 -0.32 43.22
C ILE A 66 23.94 -1.38 44.29
N GLY A 67 24.57 -1.17 45.44
CA GLY A 67 24.37 -2.06 46.57
C GLY A 67 24.93 -3.44 46.32
N SER A 68 24.79 -4.29 47.35
CA SER A 68 25.40 -5.61 47.33
C SER A 68 25.00 -6.39 46.08
N LEU A 69 23.75 -6.25 45.65
CA LEU A 69 23.19 -7.13 44.63
C LEU A 69 23.66 -6.76 43.22
N GLY A 70 23.87 -5.47 42.97
CA GLY A 70 24.41 -5.01 41.70
C GLY A 70 25.91 -5.09 41.57
N ILE A 71 26.63 -4.72 42.64
CA ILE A 71 28.09 -4.83 42.62
C ILE A 71 28.53 -6.28 42.48
N ASN A 72 27.86 -7.19 43.18
CA ASN A 72 28.15 -8.62 43.01
C ASN A 72 28.09 -9.04 41.55
N PHE A 73 27.10 -8.55 40.81
CA PHE A 73 27.05 -8.85 39.38
C PHE A 73 28.30 -8.35 38.67
N LEU A 74 28.62 -7.07 38.81
CA LEU A 74 29.80 -6.51 38.15
C LEU A 74 31.05 -7.28 38.51
N GLU A 75 31.36 -7.38 39.80
CA GLU A 75 32.57 -8.07 40.23
C GLU A 75 32.58 -9.53 39.78
N SER A 76 31.51 -10.28 40.07
CA SER A 76 31.51 -11.72 39.77
C SER A 76 31.55 -11.99 38.27
N LYS A 77 30.84 -11.19 37.48
CA LYS A 77 30.82 -11.36 36.03
C LYS A 77 31.93 -10.57 35.34
N ARG A 78 32.85 -10.04 36.12
CA ARG A 78 34.04 -9.32 35.67
C ARG A 78 33.74 -8.36 34.53
N ILE A 79 32.86 -7.41 34.81
CA ILE A 79 32.45 -6.45 33.79
C ILE A 79 33.58 -5.49 33.44
N PHE A 80 34.54 -5.29 34.35
CA PHE A 80 35.64 -4.36 34.12
C PHE A 80 36.74 -4.94 33.23
N PHE A 81 36.70 -6.25 32.98
CA PHE A 81 37.62 -6.94 32.09
C PHE A 81 36.99 -7.20 30.72
N GLU A 82 35.79 -6.67 30.49
CA GLU A 82 35.00 -6.93 29.29
C GLU A 82 35.81 -6.74 28.01
N LYS A 83 35.60 -7.68 27.10
CA LYS A 83 36.36 -7.80 25.87
C LYS A 83 35.97 -6.70 24.89
N GLU A 84 34.79 -6.77 24.29
CA GLU A 84 34.42 -5.82 23.24
C GLU A 84 33.01 -5.30 23.50
N LEU A 85 32.72 -4.14 22.92
CA LEU A 85 31.38 -3.57 22.92
C LEU A 85 30.88 -3.57 21.49
N ILE A 86 29.93 -4.43 21.18
CA ILE A 86 29.35 -4.50 19.84
C ILE A 86 28.11 -3.63 19.81
N ILE A 87 28.19 -2.50 19.10
CA ILE A 87 27.11 -1.53 19.01
C ILE A 87 26.73 -1.38 17.55
N SER A 88 25.53 -1.85 17.19
CA SER A 88 25.06 -1.90 15.80
C SER A 88 25.99 -2.69 14.89
N ASN A 89 26.22 -3.96 15.27
CA ASN A 89 26.92 -4.94 14.44
C ASN A 89 28.41 -4.64 14.25
N ASP A 90 28.87 -3.45 14.60
CA ASP A 90 30.29 -3.12 14.52
C ASP A 90 30.89 -3.14 15.92
N THR A 91 31.92 -3.96 16.10
CA THR A 91 32.51 -4.16 17.41
C THR A 91 33.51 -3.06 17.76
N ASN A 92 33.57 -2.73 19.05
CA ASN A 92 34.51 -1.76 19.59
C ASN A 92 35.41 -2.43 20.61
N ASP A 93 36.72 -2.25 20.49
CA ASP A 93 37.66 -2.82 21.43
C ASP A 93 37.60 -2.04 22.75
N ILE A 94 37.79 -2.74 23.86
CA ILE A 94 37.82 -2.12 25.18
C ILE A 94 39.28 -2.07 25.63
N THR A 95 39.90 -0.91 25.46
CA THR A 95 41.30 -0.75 25.82
C THR A 95 41.50 -0.01 27.14
N GLU A 96 40.44 0.58 27.69
CA GLU A 96 40.56 1.37 28.92
C GLU A 96 39.29 1.25 29.76
N VAL A 97 39.46 0.99 31.05
CA VAL A 97 38.35 0.88 32.00
C VAL A 97 38.70 1.75 33.20
N ASN A 98 37.72 2.52 33.70
CA ASN A 98 37.96 3.39 34.85
C ASN A 98 36.82 3.23 35.85
N VAL A 99 37.10 2.62 37.01
CA VAL A 99 36.04 2.23 37.94
C VAL A 99 36.26 2.88 39.30
N HIS A 100 35.51 3.93 39.64
CA HIS A 100 35.37 4.29 41.05
C HIS A 100 34.39 3.32 41.71
N LYS A 101 34.71 2.93 42.94
CA LYS A 101 33.77 2.23 43.82
C LYS A 101 33.84 2.77 45.25
N ASP A 102 32.71 3.21 45.78
CA ASP A 102 32.64 3.90 47.07
C ASP A 102 31.17 3.95 47.50
N MET A 103 30.91 4.63 48.62
CA MET A 103 29.56 4.90 49.07
C MET A 103 29.35 6.39 49.35
N ASP A 104 28.09 6.81 49.28
CA ASP A 104 27.69 8.20 49.54
C ASP A 104 26.37 8.21 50.31
N HIS A 105 26.09 9.36 50.93
CA HIS A 105 24.81 9.57 51.59
C HIS A 105 23.66 9.43 50.61
N PHE A 106 22.55 8.87 51.08
CA PHE A 106 21.31 8.80 50.32
C PHE A 106 20.16 9.07 51.27
N GLY A 107 19.24 9.91 50.86
CA GLY A 107 18.13 10.34 51.68
C GLY A 107 18.19 11.82 52.03
N THR A 108 17.10 12.27 52.66
CA THR A 108 16.83 13.68 52.90
C THR A 108 17.98 14.36 53.64
N THR A 109 18.24 15.63 53.30
CA THR A 109 19.36 16.38 53.85
C THR A 109 18.89 17.69 54.45
N ASP A 110 19.80 18.32 55.20
CA ASP A 110 19.52 19.63 55.77
C ASP A 110 19.59 20.71 54.70
N LYS A 111 20.65 20.68 53.89
CA LYS A 111 20.87 21.67 52.85
C LYS A 111 20.17 21.26 51.57
N ILE A 112 19.51 22.22 50.93
CA ILE A 112 18.98 21.98 49.59
C ILE A 112 20.14 21.84 48.61
N LEU A 113 19.96 20.98 47.62
CA LEU A 113 21.03 20.59 46.72
C LEU A 113 20.58 20.76 45.28
N LYS A 114 21.50 21.17 44.41
CA LYS A 114 21.17 21.52 43.04
C LYS A 114 21.69 20.40 42.14
N TYR A 115 20.80 19.80 41.37
CA TYR A 115 21.14 18.72 40.46
C TYR A 115 20.90 19.15 39.02
N GLN A 116 21.32 18.29 38.09
CA GLN A 116 21.08 18.51 36.67
C GLN A 116 20.96 17.17 35.97
N PHE A 117 20.00 17.09 35.04
CA PHE A 117 19.83 15.87 34.26
C PHE A 117 20.96 15.74 33.25
N LYS A 118 21.66 14.61 33.28
CA LYS A 118 22.67 14.32 32.27
C LYS A 118 22.08 13.61 31.06
N THR A 119 20.87 13.05 31.18
CA THR A 119 20.12 12.48 30.06
C THR A 119 18.63 12.83 30.22
N PRO A 120 17.81 12.65 29.19
CA PRO A 120 16.38 13.03 29.28
C PRO A 120 15.70 12.37 30.47
N TRP A 121 14.78 13.12 31.09
CA TRP A 121 14.23 12.65 32.36
C TRP A 121 13.15 11.60 32.12
N MET A 122 12.22 11.87 31.21
CA MET A 122 11.15 10.94 30.85
C MET A 122 10.20 10.68 32.02
N ALA A 123 9.66 11.76 32.58
CA ALA A 123 8.92 11.65 33.83
C ALA A 123 7.51 11.16 33.61
N LEU A 124 6.91 11.49 32.47
CA LEU A 124 5.52 11.18 32.21
C LEU A 124 5.33 9.72 31.80
N ASN A 125 4.49 9.00 32.54
CA ASN A 125 4.00 7.71 32.07
C ASN A 125 2.77 7.97 31.20
N ALA A 126 2.00 6.93 30.91
CA ALA A 126 0.82 7.06 30.06
C ALA A 126 -0.17 8.06 30.64
N LYS A 127 -0.79 7.70 31.77
CA LYS A 127 -1.78 8.56 32.41
C LYS A 127 -1.28 9.98 32.64
N ASN A 128 -0.01 10.14 33.04
CA ASN A 128 0.54 11.48 33.21
C ASN A 128 0.74 12.21 31.89
N SER A 129 1.09 11.50 30.82
CA SER A 129 1.33 12.17 29.54
C SER A 129 0.09 12.88 29.04
N GLU A 130 -1.08 12.25 29.18
CA GLU A 130 -2.33 12.93 28.83
C GLU A 130 -2.52 14.19 29.65
N ILE A 131 -2.30 14.08 30.97
CA ILE A 131 -2.37 15.25 31.85
C ILE A 131 -1.46 16.37 31.36
N TYR A 132 -0.17 16.06 31.20
CA TYR A 132 0.79 17.05 30.72
C TYR A 132 0.34 17.73 29.43
N LYS A 133 0.02 16.94 28.41
CA LYS A 133 -0.34 17.53 27.11
C LYS A 133 -1.53 18.46 27.22
N ASN A 134 -2.43 18.21 28.16
CA ASN A 134 -3.63 19.01 28.35
C ASN A 134 -3.46 20.15 29.35
N SER A 135 -2.24 20.38 29.86
CA SER A 135 -2.02 21.30 30.97
C SER A 135 -1.16 22.47 30.52
N ASP A 136 -1.62 23.68 30.85
CA ASP A 136 -0.89 24.90 30.55
C ASP A 136 0.42 24.97 31.35
N GLU A 137 1.29 25.89 30.93
CA GLU A 137 2.66 26.01 31.45
C GLU A 137 2.77 25.85 32.96
N ILE A 138 2.13 26.75 33.72
CA ILE A 138 2.29 26.73 35.18
C ILE A 138 1.83 25.41 35.76
N ASP A 139 0.61 24.99 35.43
CA ASP A 139 0.12 23.68 35.88
C ASP A 139 1.14 22.59 35.60
N ARG A 140 1.82 22.66 34.45
CA ARG A 140 2.85 21.69 34.12
C ARG A 140 3.98 21.74 35.12
N GLU A 141 4.52 22.94 35.38
CA GLU A 141 5.59 23.10 36.35
C GLU A 141 5.25 22.43 37.68
N GLU A 142 4.03 22.67 38.19
CA GLU A 142 3.64 22.05 39.46
C GLU A 142 3.60 20.54 39.31
N PHE A 143 2.90 20.07 38.28
CA PHE A 143 2.77 18.66 37.92
C PHE A 143 4.13 17.97 37.97
N LEU A 144 5.03 18.37 37.06
CA LEU A 144 6.38 17.82 37.01
C LEU A 144 7.04 17.77 38.38
N LYS A 145 6.91 18.84 39.16
CA LYS A 145 7.49 18.85 40.51
C LYS A 145 7.01 17.62 41.28
N ARG A 146 5.69 17.45 41.36
CA ARG A 146 5.12 16.33 42.11
C ARG A 146 5.67 15.01 41.60
N VAL A 147 5.62 14.79 40.29
CA VAL A 147 6.15 13.57 39.68
C VAL A 147 7.61 13.37 40.03
N LEU A 148 8.41 14.43 39.99
CA LEU A 148 9.79 14.35 40.44
C LEU A 148 9.90 13.80 41.85
N ILE A 149 9.17 14.38 42.79
CA ILE A 149 9.03 13.79 44.12
C ILE A 149 8.66 12.32 44.00
N GLY A 150 7.72 12.01 43.12
CA GLY A 150 7.26 10.64 42.92
C GLY A 150 8.44 9.74 42.65
N ASN A 151 9.20 10.07 41.61
CA ASN A 151 10.38 9.28 41.24
C ASN A 151 11.29 9.06 42.45
N ILE A 152 11.48 10.10 43.26
CA ILE A 152 12.33 10.01 44.43
C ILE A 152 11.77 9.01 45.44
N LEU A 153 10.44 8.86 45.49
CA LEU A 153 9.86 7.91 46.43
C LEU A 153 9.94 6.49 45.90
N SER A 154 9.92 6.31 44.57
CA SER A 154 10.07 4.99 43.99
C SER A 154 11.46 4.45 44.24
N MET A 155 12.49 5.18 43.78
CA MET A 155 13.87 4.77 43.99
C MET A 155 14.14 4.55 45.48
N SER A 156 13.75 5.51 46.31
CA SER A 156 13.98 5.40 47.75
C SER A 156 13.32 4.14 48.32
N LYS A 157 12.11 3.81 47.85
CA LYS A 157 11.43 2.59 48.29
C LYS A 157 12.21 1.35 47.90
N SER A 158 12.41 1.13 46.59
CA SER A 158 13.12 -0.05 46.12
C SER A 158 14.42 -0.27 46.88
N LEU A 159 15.10 0.82 47.26
CA LEU A 159 16.35 0.76 47.97
C LEU A 159 16.14 0.69 49.47
N GLY A 160 14.89 0.53 49.90
CA GLY A 160 14.56 0.31 51.30
C GLY A 160 14.98 1.44 52.21
N TYR A 161 14.95 2.67 51.71
CA TYR A 161 15.10 3.86 52.52
C TYR A 161 13.74 4.56 52.58
N THR A 162 13.23 4.76 53.79
CA THR A 162 11.94 5.39 54.01
C THR A 162 12.19 6.82 54.47
N ILE A 163 11.66 7.79 53.74
CA ILE A 163 11.99 9.20 53.96
C ILE A 163 11.02 9.77 54.98
N GLU A 164 11.57 10.25 56.10
CA GLU A 164 10.77 10.76 57.21
C GLU A 164 10.66 12.28 57.24
N GLU A 165 11.25 12.98 56.28
CA GLU A 165 11.01 14.41 56.16
C GLU A 165 10.36 14.67 54.80
N LYS A 166 9.68 15.81 54.71
CA LYS A 166 8.94 16.15 53.50
C LYS A 166 9.89 16.71 52.43
N LEU A 167 9.56 16.42 51.18
CA LEU A 167 10.38 16.79 50.04
C LEU A 167 9.83 18.07 49.41
N LYS A 168 10.72 19.01 49.11
CA LYS A 168 10.38 20.20 48.34
C LYS A 168 11.35 20.29 47.17
N VAL A 169 10.85 20.72 46.02
CA VAL A 169 11.70 20.80 44.82
C VAL A 169 11.45 22.10 44.05
N LYS A 170 12.52 22.54 43.37
CA LYS A 170 12.49 23.62 42.38
C LYS A 170 12.99 22.99 41.09
N ILE A 171 12.26 23.19 39.99
CA ILE A 171 12.67 22.65 38.69
C ILE A 171 12.84 23.77 37.67
N ASN A 172 13.95 23.71 36.94
CA ASN A 172 14.15 24.49 35.73
C ASN A 172 14.43 23.49 34.61
N LEU A 173 13.47 23.33 33.69
CA LEU A 173 13.52 22.26 32.70
C LEU A 173 12.96 22.74 31.37
N LYS A 174 13.55 22.25 30.29
CA LYS A 174 13.03 22.45 28.94
C LYS A 174 12.69 21.11 28.32
N GLU A 175 11.68 21.11 27.45
CA GLU A 175 11.22 19.90 26.80
C GLU A 175 12.26 19.40 25.80
N VAL A 176 12.26 18.09 25.56
CA VAL A 176 13.14 17.45 24.59
C VAL A 176 12.45 16.22 24.01
N PRO A 177 12.56 15.94 22.71
CA PRO A 177 11.96 14.69 22.19
C PRO A 177 12.92 13.53 22.41
N VAL A 178 12.36 12.38 22.76
CA VAL A 178 13.10 11.13 22.87
C VAL A 178 12.25 9.99 22.33
N LYS A 179 12.79 9.26 21.35
CA LYS A 179 12.06 8.14 20.79
C LYS A 179 12.28 6.92 21.66
N PHE A 180 11.20 6.16 21.89
CA PHE A 180 11.29 4.92 22.64
C PHE A 180 10.19 3.99 22.14
N LYS A 181 10.52 2.70 22.03
CA LYS A 181 9.59 1.71 21.47
C LYS A 181 8.91 2.25 20.22
N ASN A 182 9.74 2.79 19.32
CA ASN A 182 9.28 3.42 18.08
C ASN A 182 8.13 4.40 18.36
N GLN A 183 8.17 5.06 19.53
CA GLN A 183 7.13 6.00 19.91
C GLN A 183 7.81 7.30 20.34
N ASN A 184 7.03 8.37 20.38
CA ASN A 184 7.56 9.72 20.53
C ASN A 184 7.58 10.26 21.96
N MET A 185 7.38 9.41 22.98
CA MET A 185 7.15 9.87 24.35
C MET A 185 8.12 10.99 24.71
N VAL A 186 7.60 12.01 25.41
CA VAL A 186 8.38 13.20 25.73
C VAL A 186 9.28 12.95 26.95
N GLY A 187 10.36 13.72 27.03
CA GLY A 187 11.28 13.68 28.15
C GLY A 187 11.92 15.05 28.31
N PHE A 188 12.39 15.33 29.52
CA PHE A 188 12.85 16.68 29.83
C PHE A 188 14.35 16.71 30.09
N ARG A 189 14.92 17.89 29.88
CA ARG A 189 16.29 18.22 30.26
C ARG A 189 16.25 19.45 31.16
N GLY A 190 17.31 19.69 31.90
CA GLY A 190 17.33 20.84 32.78
C GLY A 190 18.11 20.56 34.05
N GLU A 191 17.81 21.39 35.05
CA GLU A 191 18.39 21.28 36.38
C GLU A 191 17.28 21.43 37.42
N PHE A 192 17.53 20.93 38.63
CA PHE A 192 16.53 21.04 39.67
C PHE A 192 17.17 21.08 41.05
N TYR A 193 16.39 21.50 42.03
CA TYR A 193 16.81 21.66 43.41
C TYR A 193 15.92 20.79 44.28
N ILE A 194 16.52 20.05 45.21
CA ILE A 194 15.74 19.20 46.11
C ILE A 194 16.51 19.04 47.41
N ASN A 195 15.78 18.77 48.48
CA ASN A 195 16.34 18.58 49.82
C ASN A 195 16.77 17.14 50.04
N PHE A 196 16.94 16.39 48.95
CA PHE A 196 17.34 14.98 48.96
C PHE A 196 18.77 14.85 48.45
N ASP A 197 19.50 13.87 48.97
CA ASP A 197 20.85 13.55 48.51
C ASP A 197 20.79 12.38 47.53
N ILE A 198 21.33 12.58 46.33
CA ILE A 198 21.10 11.68 45.21
C ILE A 198 22.45 11.26 44.61
N PRO A 199 22.93 10.07 44.94
CA PRO A 199 24.28 9.66 44.54
C PRO A 199 24.51 9.79 43.03
N GLN A 200 25.71 10.25 42.68
CA GLN A 200 26.01 10.67 41.32
C GLN A 200 25.67 9.60 40.29
N TYR A 201 25.20 10.05 39.13
CA TYR A 201 24.95 9.22 37.96
C TYR A 201 23.85 8.19 38.18
N LEU A 202 22.95 8.44 39.13
CA LEU A 202 21.79 7.58 39.33
C LEU A 202 20.63 8.16 38.55
N GLY A 203 19.74 7.31 38.08
CA GLY A 203 18.57 7.79 37.39
C GLY A 203 17.36 7.95 38.29
N ILE A 204 16.48 8.86 37.91
CA ILE A 204 15.20 9.05 38.60
C ILE A 204 14.10 8.78 37.58
N GLY A 205 13.21 7.85 37.92
CA GLY A 205 12.73 6.94 36.91
C GLY A 205 11.59 7.13 35.94
N ARG A 206 11.91 6.84 34.68
CA ARG A 206 11.16 5.90 33.86
C ARG A 206 12.18 5.36 32.85
N ASN A 207 12.21 4.04 32.67
CA ASN A 207 13.28 3.36 31.94
C ASN A 207 14.66 3.88 32.35
N VAL A 208 15.00 3.56 33.60
CA VAL A 208 16.29 3.96 34.15
C VAL A 208 17.40 3.04 33.68
N SER A 209 17.06 1.80 33.33
CA SER A 209 18.06 0.84 32.91
C SER A 209 18.80 1.26 31.65
N ARG A 210 18.14 1.99 30.75
CA ARG A 210 18.79 2.45 29.53
C ARG A 210 19.47 3.81 29.66
N GLY A 211 19.48 4.41 30.85
CA GLY A 211 20.24 5.61 31.11
C GLY A 211 19.38 6.85 31.27
N PHE A 212 18.11 6.77 30.86
CA PHE A 212 17.21 7.91 30.89
C PHE A 212 17.04 8.45 32.31
N GLY A 213 17.12 9.78 32.45
CA GLY A 213 16.86 10.39 33.73
C GLY A 213 18.06 10.47 34.64
N THR A 214 19.27 10.36 34.10
CA THR A 214 20.47 10.31 34.91
C THR A 214 20.81 11.68 35.45
N VAL A 215 20.88 11.81 36.76
CA VAL A 215 21.18 13.07 37.40
C VAL A 215 22.63 13.09 37.84
N VAL A 216 23.25 14.27 37.81
CA VAL A 216 24.59 14.48 38.33
C VAL A 216 24.56 15.76 39.14
N LYS A 217 25.52 15.90 40.06
CA LYS A 217 25.50 17.01 40.99
C LYS A 217 26.26 18.20 40.42
N VAL A 218 25.77 19.40 40.70
CA VAL A 218 26.42 20.62 40.26
C VAL A 218 26.73 21.52 41.45
N MET B 1 -11.97 46.20 29.54
CA MET B 1 -10.90 46.33 30.52
C MET B 1 -9.83 47.33 30.05
N ASP B 2 -10.06 47.89 28.86
CA ASP B 2 -9.03 48.64 28.12
C ASP B 2 -8.43 49.75 28.97
N LEU B 3 -7.10 49.81 29.01
CA LEU B 3 -6.38 50.82 29.79
C LEU B 3 -5.54 51.67 28.84
N GLU B 4 -5.82 52.98 28.84
CA GLU B 4 -5.21 53.92 27.91
C GLU B 4 -3.83 54.36 28.41
N TYR B 5 -2.93 54.62 27.47
CA TYR B 5 -1.54 54.88 27.84
C TYR B 5 -0.84 55.71 26.77
N MET B 6 0.29 56.33 27.18
CA MET B 6 1.09 57.18 26.32
C MET B 6 2.56 56.94 26.58
N HIS B 7 3.31 56.59 25.55
CA HIS B 7 4.75 56.40 25.63
C HIS B 7 5.45 57.53 24.89
N ILE B 8 6.50 58.09 25.50
CA ILE B 8 7.34 59.10 24.85
C ILE B 8 8.79 58.68 24.96
N SER B 9 9.47 58.58 23.82
CA SER B 9 10.80 58.01 23.72
C SER B 9 11.72 58.97 22.96
N TYR B 10 13.02 58.84 23.19
CA TYR B 10 14.04 59.67 22.54
C TYR B 10 15.02 58.79 21.79
N PRO B 11 14.72 58.46 20.51
CA PRO B 11 15.49 57.42 19.81
C PRO B 11 17.01 57.55 19.80
N ASN B 12 17.55 58.73 19.47
CA ASN B 12 18.99 58.84 19.24
C ASN B 12 19.79 58.75 20.53
N ILE B 13 19.46 59.57 21.53
CA ILE B 13 20.32 59.67 22.70
C ILE B 13 20.51 58.31 23.36
N LEU B 14 21.70 58.12 23.91
CA LEU B 14 22.15 56.84 24.46
C LEU B 14 22.82 57.15 25.78
N LEU B 15 22.85 56.19 26.69
CA LEU B 15 23.61 56.39 27.92
C LEU B 15 23.72 55.06 28.67
N ASN B 16 24.20 55.12 29.91
CA ASN B 16 24.34 53.97 30.78
C ASN B 16 22.99 53.44 31.26
N MET B 17 22.92 52.12 31.42
CA MET B 17 21.70 51.43 31.80
C MET B 17 21.76 51.18 33.29
N ARG B 18 20.69 51.50 34.00
CA ARG B 18 20.58 51.47 35.46
C ARG B 18 21.30 52.70 35.98
N ASP B 19 21.70 53.60 35.07
CA ASP B 19 22.39 54.82 35.46
C ASP B 19 21.52 55.68 36.35
N GLY B 20 20.23 55.74 36.05
CA GLY B 20 19.21 56.42 36.85
C GLY B 20 19.65 57.53 37.77
N SER B 21 20.64 57.29 38.63
CA SER B 21 21.09 58.33 39.57
C SER B 21 21.59 59.57 38.85
N LYS B 22 22.33 59.41 37.75
CA LYS B 22 22.86 60.61 37.10
C LYS B 22 21.83 61.33 36.22
N LEU B 23 20.86 60.63 35.63
CA LEU B 23 19.61 61.28 35.20
C LEU B 23 18.38 60.69 35.90
N ARG B 24 18.08 61.16 37.12
CA ARG B 24 16.76 60.94 37.73
C ARG B 24 15.97 62.17 38.13
N GLY B 25 16.52 63.38 38.09
CA GLY B 25 15.90 64.48 38.81
C GLY B 25 15.05 65.47 38.02
N TYR B 26 15.29 65.53 36.71
CA TYR B 26 14.76 66.59 35.85
C TYR B 26 13.24 66.68 35.89
N PHE B 27 12.55 65.62 35.44
CA PHE B 27 11.09 65.63 35.29
C PHE B 27 10.41 66.38 36.43
N ALA B 28 10.84 66.09 37.67
CA ALA B 28 10.31 66.79 38.83
C ALA B 28 10.83 68.23 38.87
N LYS B 29 12.15 68.40 38.86
CA LYS B 29 12.78 69.70 39.08
C LYS B 29 12.18 70.81 38.20
N LYS B 30 12.05 70.55 36.91
CA LYS B 30 11.73 71.64 35.99
C LYS B 30 10.28 72.13 36.16
N TYR B 31 9.33 71.23 36.39
CA TYR B 31 7.93 71.62 36.59
C TYR B 31 7.44 71.70 38.03
N ILE B 32 8.27 71.39 39.04
CA ILE B 32 7.76 71.20 40.42
C ILE B 32 6.81 72.31 40.90
N ASP B 33 5.71 71.93 41.55
CA ASP B 33 5.41 70.53 41.85
C ASP B 33 4.05 70.08 41.30
N GLU B 34 4.03 68.94 40.61
CA GLU B 34 2.80 68.38 40.10
C GLU B 34 2.60 66.92 40.51
N GLU B 35 3.52 66.06 40.09
CA GLU B 35 3.46 64.63 40.37
C GLU B 35 4.06 64.32 41.74
N ILE B 36 3.63 63.18 42.30
CA ILE B 36 4.12 62.74 43.59
C ILE B 36 5.63 62.47 43.52
N VAL B 37 6.42 63.49 43.85
CA VAL B 37 7.81 63.32 44.25
C VAL B 37 8.01 63.49 45.74
N HIS B 38 6.93 63.77 46.47
CA HIS B 38 7.00 64.11 47.89
C HIS B 38 5.59 64.08 48.49
N LYS B 48 -0.49 54.40 46.38
CA LYS B 48 -1.10 54.54 45.06
C LYS B 48 -0.10 54.18 43.97
N TYR B 49 -0.57 53.47 42.96
CA TYR B 49 0.32 53.01 41.89
C TYR B 49 0.64 54.12 40.90
N PRO B 50 1.92 54.36 40.62
CA PRO B 50 2.31 55.48 39.75
C PRO B 50 1.69 55.37 38.36
N GLN B 51 1.03 56.44 37.93
CA GLN B 51 0.57 56.54 36.55
C GLN B 51 1.51 57.37 35.68
N ILE B 52 2.65 57.80 36.22
CA ILE B 52 3.71 58.44 35.45
C ILE B 52 5.01 57.74 35.81
N GLN B 53 5.68 57.17 34.81
CA GLN B 53 6.81 56.28 35.04
C GLN B 53 7.95 56.65 34.10
N PHE B 54 9.12 56.95 34.68
CA PHE B 54 10.32 57.27 33.94
C PHE B 54 11.22 56.02 33.85
N LYS B 55 11.61 55.66 32.64
CA LYS B 55 12.42 54.48 32.40
C LYS B 55 13.62 54.82 31.54
N ILE B 56 14.64 53.97 31.61
CA ILE B 56 15.66 53.85 30.56
C ILE B 56 15.67 52.41 30.09
N ILE B 57 15.17 52.18 28.87
CA ILE B 57 15.07 50.85 28.29
C ILE B 57 16.14 50.73 27.21
N ASP B 58 17.08 49.80 27.42
CA ASP B 58 18.20 49.59 26.50
C ASP B 58 18.84 50.90 26.06
N ARG B 59 19.48 51.60 27.00
CA ARG B 59 20.26 52.80 26.71
C ARG B 59 19.40 54.01 26.33
N SER B 60 18.09 53.80 26.06
CA SER B 60 17.29 54.95 25.63
C SER B 60 16.24 55.33 26.67
N PRO B 61 15.96 56.62 26.85
CA PRO B 61 14.97 57.04 27.84
C PRO B 61 13.56 56.64 27.43
N LEU B 62 12.67 56.67 28.43
CA LEU B 62 11.28 56.29 28.22
C LEU B 62 10.43 57.05 29.24
N ILE B 63 9.23 57.45 28.83
CA ILE B 63 8.25 58.03 29.74
C ILE B 63 6.90 57.40 29.43
N ILE B 64 6.12 57.10 30.48
CA ILE B 64 4.85 56.41 30.34
C ILE B 64 3.79 57.12 31.16
N GLY B 65 2.75 57.62 30.49
CA GLY B 65 1.49 57.91 31.15
C GLY B 65 0.53 56.74 31.02
N ILE B 66 -0.26 56.50 32.06
CA ILE B 66 -1.33 55.50 32.01
C ILE B 66 -2.58 56.09 32.64
N GLY B 67 -3.73 55.82 32.02
CA GLY B 67 -5.00 56.35 32.48
C GLY B 67 -5.16 57.82 32.12
N SER B 68 -6.41 58.27 32.15
CA SER B 68 -6.71 59.67 31.84
C SER B 68 -5.83 60.61 32.67
N LEU B 69 -5.86 60.44 33.99
CA LEU B 69 -5.08 61.30 34.89
C LEU B 69 -3.64 61.42 34.42
N GLY B 70 -3.01 60.28 34.15
CA GLY B 70 -1.59 60.29 33.82
C GLY B 70 -1.29 60.86 32.44
N ILE B 71 -2.18 60.59 31.47
CA ILE B 71 -2.01 61.17 30.14
C ILE B 71 -2.00 62.69 30.23
N ASN B 72 -3.06 63.26 30.81
CA ASN B 72 -3.23 64.71 30.86
C ASN B 72 -1.97 65.42 31.38
N PHE B 73 -1.43 64.95 32.50
CA PHE B 73 -0.16 65.46 33.01
C PHE B 73 0.88 65.50 31.90
N LEU B 74 1.02 64.40 31.15
CA LEU B 74 2.14 64.22 30.23
C LEU B 74 2.23 65.31 29.18
N GLU B 75 1.23 66.18 29.07
CA GLU B 75 1.30 67.30 28.14
C GLU B 75 2.24 68.34 28.74
N SER B 76 3.38 68.54 28.10
CA SER B 76 4.54 69.19 28.70
C SER B 76 5.68 69.29 27.69
N ASP B 93 21.87 67.96 21.06
CA ASP B 93 20.62 68.08 21.80
C ASP B 93 19.66 66.90 21.60
N ILE B 94 18.39 67.13 21.92
CA ILE B 94 17.39 66.06 21.92
C ILE B 94 17.02 65.59 20.51
N THR B 95 16.78 66.52 19.58
CA THR B 95 16.34 66.29 18.20
C THR B 95 15.08 65.42 18.13
N GLU B 96 15.14 64.30 17.41
CA GLU B 96 13.95 63.47 17.19
C GLU B 96 13.40 62.88 18.49
N VAL B 97 12.07 62.71 18.51
CA VAL B 97 11.31 62.20 19.63
C VAL B 97 10.06 61.52 19.07
N ASN B 98 9.60 60.45 19.73
CA ASN B 98 8.49 59.68 19.21
C ASN B 98 7.41 59.52 20.27
N VAL B 99 6.19 59.16 19.82
CA VAL B 99 5.08 58.76 20.70
C VAL B 99 4.27 57.65 20.03
N HIS B 100 4.37 56.40 20.53
CA HIS B 100 3.22 55.51 20.35
C HIS B 100 2.20 55.81 21.44
N LYS B 101 0.95 56.08 21.02
CA LYS B 101 -0.15 56.47 21.89
C LYS B 101 -1.42 55.71 21.54
N ASP B 102 -1.93 54.91 22.47
CA ASP B 102 -3.00 53.95 22.20
C ASP B 102 -3.53 53.43 23.53
N MET B 103 -4.51 52.53 23.46
CA MET B 103 -5.13 51.92 24.63
C MET B 103 -5.06 50.40 24.53
N ASP B 104 -4.66 49.74 25.62
CA ASP B 104 -4.29 48.34 25.63
C ASP B 104 -5.20 47.57 26.58
N HIS B 105 -5.15 46.24 26.47
CA HIS B 105 -5.88 45.36 27.36
C HIS B 105 -5.12 45.15 28.66
N PHE B 106 -5.83 45.25 29.78
CA PHE B 106 -5.26 45.06 31.11
C PHE B 106 -6.26 44.28 31.94
N GLY B 107 -5.83 43.20 32.56
CA GLY B 107 -6.73 42.34 33.30
C GLY B 107 -6.26 40.90 33.23
N THR B 108 -7.11 40.01 33.76
CA THR B 108 -6.85 38.58 33.66
C THR B 108 -7.23 38.04 32.30
N THR B 109 -6.62 36.91 31.93
CA THR B 109 -6.91 36.24 30.68
C THR B 109 -6.73 34.74 30.87
N ASP B 110 -7.36 33.97 29.99
CA ASP B 110 -7.29 32.51 30.08
C ASP B 110 -6.02 31.97 29.45
N LYS B 111 -5.50 32.65 28.44
CA LYS B 111 -4.28 32.21 27.75
C LYS B 111 -3.06 32.67 28.52
N ILE B 112 -2.22 31.72 28.94
CA ILE B 112 -1.03 32.07 29.69
C ILE B 112 -0.15 33.00 28.87
N LEU B 113 0.49 33.95 29.54
CA LEU B 113 1.35 34.92 28.90
C LEU B 113 2.71 34.93 29.58
N LYS B 114 3.75 35.17 28.79
CA LYS B 114 5.13 35.18 29.27
C LYS B 114 5.71 36.58 29.18
N TYR B 115 6.36 37.01 30.25
CA TYR B 115 6.89 38.36 30.37
C TYR B 115 8.35 38.26 30.77
N GLN B 116 9.09 39.33 30.50
CA GLN B 116 10.49 39.41 30.92
C GLN B 116 10.78 40.80 31.46
N PHE B 117 11.61 40.85 32.51
CA PHE B 117 11.98 42.11 33.14
C PHE B 117 13.05 42.81 32.34
N LYS B 118 12.78 44.04 31.93
CA LYS B 118 13.78 44.89 31.30
C LYS B 118 14.57 45.73 32.30
N THR B 119 14.15 45.75 33.56
CA THR B 119 14.85 46.45 34.63
C THR B 119 14.69 45.65 35.92
N PRO B 120 15.68 45.71 36.81
CA PRO B 120 15.64 44.92 38.05
C PRO B 120 14.33 45.07 38.83
N TRP B 121 13.87 43.97 39.42
CA TRP B 121 12.51 43.88 39.91
C TRP B 121 12.30 44.72 41.17
N MET B 122 13.17 44.56 42.18
CA MET B 122 13.07 45.29 43.45
C MET B 122 11.85 44.87 44.27
N ALA B 123 11.55 43.57 44.30
CA ALA B 123 10.28 43.14 44.86
C ALA B 123 10.27 43.13 46.38
N LEU B 124 11.42 42.91 47.01
CA LEU B 124 11.49 42.85 48.47
C LEU B 124 11.63 44.24 49.05
N ASN B 125 10.86 44.51 50.11
CA ASN B 125 11.05 45.70 50.93
C ASN B 125 11.98 45.32 52.08
N ALA B 126 12.15 46.23 53.05
CA ALA B 126 13.01 45.96 54.20
C ALA B 126 12.60 44.68 54.92
N LYS B 127 11.35 44.62 55.37
CA LYS B 127 10.81 43.41 56.00
C LYS B 127 11.03 42.16 55.17
N ASN B 128 10.34 42.09 54.01
CA ASN B 128 10.42 40.91 53.15
C ASN B 128 11.85 40.57 52.73
N SER B 129 12.74 41.57 52.66
CA SER B 129 14.13 41.25 52.35
C SER B 129 14.75 40.35 53.42
N GLU B 130 14.40 40.57 54.68
CA GLU B 130 14.90 39.71 55.75
C GLU B 130 14.43 38.27 55.56
N ILE B 131 13.12 38.07 55.44
CA ILE B 131 12.57 36.75 55.17
C ILE B 131 13.29 36.09 54.00
N TYR B 132 13.37 36.80 52.87
CA TYR B 132 14.15 36.33 51.73
C TYR B 132 15.60 36.01 52.11
N LYS B 133 16.25 36.91 52.84
CA LYS B 133 17.66 36.71 53.19
C LYS B 133 17.90 35.37 53.87
N ASN B 134 17.09 35.02 54.86
CA ASN B 134 17.18 33.69 55.46
C ASN B 134 16.11 32.81 54.81
N SER B 135 16.49 32.14 53.71
CA SER B 135 15.63 31.17 53.07
C SER B 135 16.46 30.30 52.15
N ASP B 136 16.07 29.03 52.04
CA ASP B 136 16.67 28.14 51.06
C ASP B 136 16.04 28.38 49.70
N GLU B 137 16.80 28.08 48.64
CA GLU B 137 16.41 28.51 47.29
C GLU B 137 14.98 28.14 46.92
N ILE B 138 14.45 27.04 47.48
CA ILE B 138 13.10 26.63 47.09
C ILE B 138 12.05 27.53 47.73
N ASP B 139 12.14 27.72 49.06
CA ASP B 139 11.21 28.63 49.73
C ASP B 139 11.39 30.05 49.22
N ARG B 140 12.62 30.41 48.85
CA ARG B 140 12.87 31.69 48.20
C ARG B 140 12.03 31.84 46.94
N GLU B 141 11.96 30.80 46.11
CA GLU B 141 11.12 30.84 44.92
C GLU B 141 9.67 31.06 45.28
N GLU B 142 9.10 30.18 46.12
CA GLU B 142 7.68 30.28 46.43
C GLU B 142 7.38 31.51 47.29
N PHE B 143 8.41 32.22 47.73
CA PHE B 143 8.22 33.53 48.34
C PHE B 143 8.07 34.60 47.26
N LEU B 144 8.98 34.60 46.28
CA LEU B 144 8.87 35.55 45.17
C LEU B 144 7.54 35.40 44.44
N LYS B 145 7.09 34.16 44.22
CA LYS B 145 5.86 33.94 43.49
C LYS B 145 4.73 34.73 44.12
N ARG B 146 4.57 34.60 45.44
CA ARG B 146 3.53 35.32 46.17
C ARG B 146 3.70 36.82 45.97
N VAL B 147 4.92 37.31 46.20
CA VAL B 147 5.22 38.74 46.06
C VAL B 147 4.73 39.25 44.71
N LEU B 148 5.18 38.59 43.63
CA LEU B 148 4.74 38.97 42.29
C LEU B 148 3.23 39.09 42.20
N ILE B 149 2.50 38.08 42.68
CA ILE B 149 1.03 38.17 42.65
C ILE B 149 0.55 39.33 43.51
N GLY B 150 1.27 39.62 44.59
CA GLY B 150 0.99 40.78 45.41
C GLY B 150 1.06 42.06 44.62
N ASN B 151 2.22 42.30 43.99
CA ASN B 151 2.43 43.50 43.18
C ASN B 151 1.31 43.66 42.15
N ILE B 152 1.06 42.59 41.37
CA ILE B 152 0.01 42.64 40.35
C ILE B 152 -1.30 43.11 40.95
N LEU B 153 -1.65 42.58 42.13
CA LEU B 153 -2.90 42.95 42.78
C LEU B 153 -2.90 44.41 43.21
N SER B 154 -1.77 44.89 43.73
CA SER B 154 -1.67 46.31 44.08
C SER B 154 -2.00 47.16 42.86
N MET B 155 -1.24 46.96 41.77
CA MET B 155 -1.48 47.68 40.53
C MET B 155 -2.94 47.55 40.10
N SER B 156 -3.42 46.31 39.97
CA SER B 156 -4.81 46.07 39.60
C SER B 156 -5.78 46.88 40.46
N LYS B 157 -5.57 46.85 41.77
CA LYS B 157 -6.39 47.63 42.71
C LYS B 157 -6.33 49.12 42.42
N SER B 158 -5.14 49.71 42.60
CA SER B 158 -4.97 51.16 42.44
C SER B 158 -5.58 51.66 41.14
N LEU B 159 -5.36 50.93 40.05
CA LEU B 159 -5.85 51.33 38.74
C LEU B 159 -7.33 51.05 38.57
N GLY B 160 -8.00 50.55 39.62
CA GLY B 160 -9.43 50.33 39.62
C GLY B 160 -9.84 49.22 38.68
N TYR B 161 -9.31 48.02 38.94
CA TYR B 161 -9.73 46.80 38.27
C TYR B 161 -9.93 45.71 39.32
N THR B 162 -11.09 45.06 39.28
CA THR B 162 -11.31 43.89 40.11
C THR B 162 -10.74 42.65 39.43
N ILE B 163 -10.14 41.77 40.22
CA ILE B 163 -9.50 40.56 39.72
C ILE B 163 -10.32 39.37 40.23
N GLU B 164 -11.12 38.79 39.35
CA GLU B 164 -12.12 37.80 39.72
C GLU B 164 -11.66 36.36 39.52
N GLU B 165 -10.41 36.10 39.14
CA GLU B 165 -9.90 34.74 39.09
C GLU B 165 -8.55 34.64 39.77
N LYS B 166 -8.22 33.41 40.18
CA LYS B 166 -6.98 33.11 40.88
C LYS B 166 -5.78 33.27 39.95
N LEU B 167 -4.80 34.06 40.37
CA LEU B 167 -3.59 34.25 39.59
C LEU B 167 -2.58 33.17 39.94
N LYS B 168 -1.92 32.65 38.90
CA LYS B 168 -0.89 31.63 39.06
C LYS B 168 0.34 32.07 38.27
N VAL B 169 1.52 31.70 38.77
CA VAL B 169 2.76 32.14 38.13
C VAL B 169 3.79 31.02 38.07
N LYS B 170 4.60 31.08 37.01
CA LYS B 170 5.80 30.28 36.84
C LYS B 170 6.92 31.29 36.59
N ILE B 171 7.87 31.37 37.50
CA ILE B 171 8.90 32.40 37.44
C ILE B 171 10.29 31.77 37.40
N ASN B 172 11.10 32.26 36.46
CA ASN B 172 12.54 31.98 36.33
C ASN B 172 13.28 33.30 36.48
N LEU B 173 13.93 33.51 37.62
CA LEU B 173 14.67 34.76 37.81
C LEU B 173 15.96 34.46 38.56
N LYS B 174 16.84 35.45 38.54
CA LYS B 174 18.15 35.37 39.16
C LYS B 174 18.41 36.66 39.92
N GLU B 175 19.15 36.55 41.02
CA GLU B 175 19.48 37.74 41.80
C GLU B 175 20.41 38.64 41.00
N VAL B 176 20.26 39.95 41.19
CA VAL B 176 21.24 40.93 40.71
C VAL B 176 21.36 42.12 41.65
N PRO B 177 22.54 42.69 41.82
CA PRO B 177 22.70 43.83 42.73
C PRO B 177 22.18 45.10 42.09
N VAL B 178 21.50 45.92 42.89
CA VAL B 178 21.04 47.23 42.43
C VAL B 178 21.33 48.26 43.52
N LYS B 179 21.75 49.45 43.10
CA LYS B 179 21.95 50.58 43.99
C LYS B 179 20.76 51.52 43.91
N PHE B 180 20.16 51.83 45.05
CA PHE B 180 19.01 52.72 45.12
C PHE B 180 19.26 53.63 46.32
N LYS B 181 19.08 54.93 46.14
CA LYS B 181 19.41 55.93 47.17
C LYS B 181 20.80 55.64 47.75
N ASN B 182 21.69 55.16 46.86
CA ASN B 182 23.08 54.85 47.15
C ASN B 182 23.25 54.01 48.42
N GLN B 183 22.27 53.14 48.70
CA GLN B 183 22.51 51.89 49.40
C GLN B 183 22.44 50.77 48.37
N ASN B 184 22.75 49.54 48.81
CA ASN B 184 22.59 48.39 47.92
C ASN B 184 21.46 47.51 48.43
N MET B 185 20.32 47.56 47.74
CA MET B 185 19.27 46.57 47.93
C MET B 185 19.36 45.54 46.80
N VAL B 186 18.46 44.58 46.83
CA VAL B 186 18.48 43.45 45.91
C VAL B 186 17.29 43.53 44.95
N GLY B 187 17.52 43.07 43.72
CA GLY B 187 16.49 43.06 42.71
C GLY B 187 16.64 41.82 41.86
N PHE B 188 15.66 41.58 41.00
CA PHE B 188 15.60 40.32 40.26
C PHE B 188 15.40 40.55 38.77
N ARG B 189 16.29 39.99 37.97
CA ARG B 189 16.15 39.96 36.52
C ARG B 189 15.80 38.55 36.09
N GLY B 190 14.85 38.43 35.16
CA GLY B 190 14.38 37.12 34.77
C GLY B 190 13.16 37.24 33.88
N GLU B 191 12.45 36.12 33.77
CA GLU B 191 11.20 36.06 33.02
C GLU B 191 10.19 35.27 33.83
N PHE B 192 8.91 35.41 33.48
CA PHE B 192 7.87 34.75 34.26
C PHE B 192 6.62 34.58 33.43
N TYR B 193 5.74 33.71 33.92
CA TYR B 193 4.52 33.31 33.23
C TYR B 193 3.35 33.58 34.17
N ILE B 194 2.31 34.25 33.67
CA ILE B 194 1.15 34.57 34.50
C ILE B 194 -0.06 34.69 33.58
N ASN B 195 -1.24 34.44 34.13
CA ASN B 195 -2.48 34.49 33.36
C ASN B 195 -3.08 35.89 33.37
N PHE B 196 -2.36 36.87 33.91
CA PHE B 196 -2.70 38.27 33.81
C PHE B 196 -2.24 38.81 32.46
N ASP B 197 -2.92 39.84 31.97
CA ASP B 197 -2.52 40.55 30.77
C ASP B 197 -1.96 41.91 31.18
N ILE B 198 -0.65 42.06 31.06
CA ILE B 198 0.05 43.25 31.51
C ILE B 198 0.41 44.08 30.28
N PRO B 199 -0.01 45.33 30.19
CA PRO B 199 0.39 46.17 29.06
C PRO B 199 1.90 46.29 29.01
N GLN B 200 2.44 46.61 27.85
CA GLN B 200 3.87 46.69 27.73
C GLN B 200 4.42 47.85 28.55
N TYR B 201 5.48 47.58 29.31
CA TYR B 201 6.39 48.53 29.96
C TYR B 201 6.00 49.11 31.33
N LEU B 202 4.90 48.72 31.98
CA LEU B 202 4.68 49.27 33.32
C LEU B 202 5.36 48.44 34.40
N GLY B 203 5.15 48.87 35.64
CA GLY B 203 5.32 48.10 36.87
C GLY B 203 6.63 47.36 37.07
N ILE B 204 6.57 46.22 37.75
CA ILE B 204 5.60 46.03 38.81
C ILE B 204 6.24 46.09 40.22
N GLY B 205 7.55 46.25 40.28
CA GLY B 205 8.25 46.25 41.55
C GLY B 205 7.93 47.48 42.37
N ARG B 206 8.54 47.58 43.54
CA ARG B 206 8.52 48.86 44.24
C ARG B 206 9.55 49.79 43.61
N ASN B 207 9.29 51.09 43.73
CA ASN B 207 10.07 52.13 43.06
C ASN B 207 9.93 52.03 41.55
N VAL B 208 8.68 51.94 41.09
CA VAL B 208 8.41 51.80 39.66
C VAL B 208 8.36 53.15 38.96
N SER B 209 8.27 54.25 39.71
CA SER B 209 8.25 55.57 39.09
C SER B 209 9.60 55.88 38.47
N ARG B 210 10.67 55.31 39.03
CA ARG B 210 12.02 55.58 38.59
C ARG B 210 12.52 54.55 37.59
N GLY B 211 11.65 53.64 37.17
CA GLY B 211 11.95 52.66 36.13
C GLY B 211 12.24 51.23 36.52
N PHE B 212 11.93 50.79 37.73
CA PHE B 212 12.32 49.46 38.17
C PHE B 212 11.25 48.41 37.89
N GLY B 213 11.71 47.23 37.48
CA GLY B 213 10.84 46.09 37.22
C GLY B 213 10.03 46.16 35.95
N THR B 214 10.56 46.76 34.90
CA THR B 214 9.80 47.01 33.68
C THR B 214 9.59 45.71 32.91
N VAL B 215 8.34 45.33 32.69
CA VAL B 215 7.98 44.04 32.11
C VAL B 215 7.56 44.25 30.66
N VAL B 216 8.00 43.35 29.79
CA VAL B 216 7.70 43.40 28.37
C VAL B 216 7.30 42.02 27.91
N LYS B 217 6.31 41.95 27.01
CA LYS B 217 5.80 40.67 26.56
C LYS B 217 6.80 40.00 25.63
N VAL B 218 7.00 38.71 25.83
CA VAL B 218 7.84 37.89 24.95
C VAL B 218 7.22 36.50 24.83
N MET C 1 -16.06 -4.24 -15.25
CA MET C 1 -16.80 -3.89 -14.04
C MET C 1 -16.81 -2.40 -13.79
N ASP C 2 -18.00 -1.85 -13.60
CA ASP C 2 -18.16 -0.43 -13.32
C ASP C 2 -18.37 -0.23 -11.83
N LEU C 3 -17.90 0.91 -11.32
CA LEU C 3 -17.92 1.19 -9.89
C LEU C 3 -18.60 2.52 -9.64
N GLU C 4 -19.68 2.51 -8.89
CA GLU C 4 -20.43 3.72 -8.59
C GLU C 4 -19.69 4.48 -7.49
N TYR C 5 -19.78 5.80 -7.50
CA TYR C 5 -19.10 6.56 -6.46
C TYR C 5 -19.73 7.93 -6.26
N MET C 6 -19.51 8.48 -5.06
CA MET C 6 -19.95 9.81 -4.68
C MET C 6 -18.77 10.55 -4.07
N HIS C 7 -18.36 11.66 -4.68
CA HIS C 7 -17.38 12.57 -4.12
C HIS C 7 -18.07 13.79 -3.54
N ILE C 8 -17.79 14.11 -2.26
CA ILE C 8 -18.32 15.29 -1.60
C ILE C 8 -17.17 16.19 -1.14
N SER C 9 -17.10 17.39 -1.71
CA SER C 9 -16.00 18.33 -1.52
C SER C 9 -16.50 19.58 -0.82
N TYR C 10 -15.69 20.10 0.13
CA TYR C 10 -15.97 21.34 0.83
C TYR C 10 -14.87 22.35 0.49
N PRO C 11 -14.91 22.95 -0.70
CA PRO C 11 -13.72 23.66 -1.21
C PRO C 11 -13.36 24.94 -0.45
N ASN C 12 -14.25 25.48 0.38
CA ASN C 12 -13.94 26.75 1.04
C ASN C 12 -13.18 26.61 2.35
N ILE C 13 -13.07 25.40 2.91
CA ILE C 13 -12.38 25.20 4.18
C ILE C 13 -10.96 24.73 3.89
N LEU C 14 -9.99 25.35 4.56
CA LEU C 14 -8.57 25.08 4.32
C LEU C 14 -7.93 24.39 5.53
N LEU C 15 -7.50 23.15 5.33
CA LEU C 15 -6.89 22.35 6.39
C LEU C 15 -5.48 21.94 5.94
N ASN C 16 -4.62 21.66 6.90
CA ASN C 16 -3.26 21.23 6.57
C ASN C 16 -3.25 19.76 6.19
N MET C 17 -2.27 19.37 5.36
CA MET C 17 -2.15 18.04 4.78
C MET C 17 -2.41 16.91 5.79
N ARG C 18 -2.09 17.16 7.06
CA ARG C 18 -2.12 16.14 8.09
C ARG C 18 -3.47 16.07 8.81
N ASP C 19 -4.47 16.82 8.37
CA ASP C 19 -5.73 16.93 9.09
C ASP C 19 -6.78 15.91 8.65
N GLY C 20 -6.51 15.13 7.60
CA GLY C 20 -7.51 14.19 7.11
C GLY C 20 -8.14 13.38 8.23
N SER C 21 -7.29 12.74 9.04
CA SER C 21 -7.77 11.88 10.12
C SER C 21 -8.79 12.62 10.99
N LYS C 22 -8.44 13.84 11.40
CA LYS C 22 -9.31 14.64 12.27
C LYS C 22 -10.76 14.68 11.76
N LEU C 23 -10.95 14.98 10.47
CA LEU C 23 -12.32 15.15 9.98
C LEU C 23 -13.04 13.82 9.98
N ARG C 24 -12.32 12.74 9.67
CA ARG C 24 -12.90 11.41 9.83
C ARG C 24 -13.45 11.27 11.24
N GLY C 25 -12.59 11.54 12.24
CA GLY C 25 -13.01 11.43 13.63
C GLY C 25 -14.32 12.16 13.86
N TYR C 26 -14.37 13.43 13.45
CA TYR C 26 -15.54 14.26 13.69
C TYR C 26 -16.80 13.57 13.21
N PHE C 27 -16.82 13.20 11.92
CA PHE C 27 -17.98 12.50 11.38
C PHE C 27 -18.25 11.24 12.19
N ALA C 28 -17.23 10.40 12.36
CA ALA C 28 -17.37 9.17 13.15
C ALA C 28 -18.03 9.45 14.49
N LYS C 29 -17.67 10.56 15.15
CA LYS C 29 -18.22 10.83 16.47
C LYS C 29 -19.65 11.35 16.39
N LYS C 30 -19.95 12.22 15.41
CA LYS C 30 -21.30 12.76 15.32
C LYS C 30 -22.25 11.67 14.86
N TYR C 31 -21.79 10.84 13.94
CA TYR C 31 -22.54 9.73 13.37
C TYR C 31 -22.27 8.42 14.09
N ILE C 32 -21.72 8.47 15.30
CA ILE C 32 -21.47 7.24 16.04
C ILE C 32 -22.83 6.57 16.25
N ASP C 33 -22.81 5.24 16.35
CA ASP C 33 -23.94 4.32 16.40
C ASP C 33 -24.27 3.94 14.95
N GLU C 34 -23.47 4.41 13.99
CA GLU C 34 -23.59 4.07 12.58
C GLU C 34 -22.41 3.18 12.23
N GLU C 35 -22.71 2.01 11.67
CA GLU C 35 -21.70 0.99 11.41
C GLU C 35 -20.63 1.42 10.40
N ILE C 36 -21.01 2.16 9.36
CA ILE C 36 -20.10 2.36 8.23
C ILE C 36 -18.97 3.33 8.55
N VAL C 37 -19.21 4.40 9.32
CA VAL C 37 -18.17 5.41 9.47
C VAL C 37 -17.07 5.00 10.44
N HIS C 38 -17.42 4.61 11.66
CA HIS C 38 -16.41 4.54 12.74
C HIS C 38 -15.09 3.78 12.44
N ASN C 39 -15.10 2.48 12.11
CA ASN C 39 -16.27 1.62 11.98
C ASN C 39 -16.07 0.33 12.76
N HIS C 40 -16.84 0.12 13.83
CA HIS C 40 -16.65 -1.05 14.68
C HIS C 40 -17.98 -1.63 15.10
N ARG C 41 -17.94 -2.89 15.52
CA ARG C 41 -19.03 -3.59 16.17
C ARG C 41 -18.51 -4.09 17.51
N ASP C 42 -19.22 -3.77 18.60
CA ASP C 42 -18.91 -4.20 19.97
C ASP C 42 -17.41 -4.14 20.22
N ASN C 43 -16.75 -3.16 19.59
CA ASN C 43 -15.31 -2.98 19.56
C ASN C 43 -14.56 -4.18 18.97
N ALA C 44 -15.25 -4.98 18.15
CA ALA C 44 -14.60 -5.92 17.25
C ALA C 44 -14.52 -5.26 15.88
N PHE C 45 -13.32 -5.09 15.37
CA PHE C 45 -13.12 -4.28 14.17
C PHE C 45 -13.67 -4.97 12.93
N VAL C 46 -14.11 -4.16 11.97
CA VAL C 46 -14.49 -4.63 10.64
C VAL C 46 -13.28 -4.56 9.72
N TYR C 47 -12.95 -5.69 9.09
CA TYR C 47 -11.83 -5.76 8.15
C TYR C 47 -12.38 -5.96 6.74
N LYS C 48 -12.51 -4.86 6.01
CA LYS C 48 -12.87 -4.85 4.60
C LYS C 48 -12.53 -3.46 4.07
N TYR C 49 -12.32 -3.37 2.76
CA TYR C 49 -12.00 -2.10 2.15
C TYR C 49 -13.04 -1.07 2.56
N PRO C 50 -12.64 0.09 3.09
CA PRO C 50 -13.62 1.13 3.45
C PRO C 50 -14.43 1.62 2.25
N GLN C 51 -15.76 1.51 2.38
CA GLN C 51 -16.63 1.99 1.32
C GLN C 51 -16.78 3.50 1.38
N ILE C 52 -16.73 4.05 2.60
CA ILE C 52 -16.69 5.48 2.85
C ILE C 52 -15.27 5.84 3.23
N GLN C 53 -14.74 6.90 2.63
CA GLN C 53 -13.42 7.39 2.96
C GLN C 53 -13.45 8.91 3.14
N PHE C 54 -12.55 9.41 3.97
CA PHE C 54 -12.36 10.83 4.18
C PHE C 54 -10.93 11.17 3.82
N LYS C 55 -10.74 12.32 3.18
CA LYS C 55 -9.40 12.80 2.88
C LYS C 55 -9.49 14.29 2.56
N ILE C 56 -8.36 14.98 2.70
CA ILE C 56 -8.24 16.37 2.28
C ILE C 56 -7.35 16.43 1.05
N ILE C 57 -7.85 17.09 0.01
CA ILE C 57 -7.13 17.26 -1.24
C ILE C 57 -7.03 18.76 -1.48
N ASP C 58 -5.83 19.24 -1.84
CA ASP C 58 -5.63 20.65 -2.15
C ASP C 58 -5.99 21.55 -0.98
N ARG C 59 -5.81 21.06 0.24
CA ARG C 59 -6.07 21.75 1.51
C ARG C 59 -7.55 21.77 1.88
N SER C 60 -8.44 21.24 1.03
CA SER C 60 -9.86 21.25 1.33
C SER C 60 -10.41 19.84 1.48
N PRO C 61 -11.35 19.64 2.40
CA PRO C 61 -11.79 18.28 2.76
C PRO C 61 -12.68 17.66 1.71
N LEU C 62 -12.51 16.35 1.53
CA LEU C 62 -13.19 15.61 0.48
C LEU C 62 -13.67 14.28 1.06
N ILE C 63 -14.97 14.03 1.01
CA ILE C 63 -15.54 12.75 1.44
C ILE C 63 -15.82 11.90 0.22
N ILE C 64 -15.64 10.60 0.36
CA ILE C 64 -15.81 9.67 -0.76
C ILE C 64 -16.69 8.51 -0.33
N GLY C 65 -17.47 8.01 -1.28
CA GLY C 65 -18.27 6.82 -1.06
C GLY C 65 -18.32 6.01 -2.34
N ILE C 66 -18.46 4.70 -2.18
CA ILE C 66 -18.08 3.75 -3.22
C ILE C 66 -19.11 2.63 -3.25
N GLY C 67 -19.60 2.29 -4.43
CA GLY C 67 -20.60 1.25 -4.54
C GLY C 67 -21.95 1.70 -4.03
N SER C 68 -23.02 1.02 -4.45
CA SER C 68 -24.36 1.40 -4.00
C SER C 68 -24.42 1.50 -2.48
N LEU C 69 -23.69 0.62 -1.80
CA LEU C 69 -23.63 0.57 -0.34
C LEU C 69 -23.19 1.92 0.23
N GLY C 70 -21.94 2.30 -0.04
CA GLY C 70 -21.41 3.54 0.50
C GLY C 70 -22.18 4.77 0.06
N ILE C 71 -22.65 4.79 -1.18
CA ILE C 71 -23.40 5.94 -1.67
C ILE C 71 -24.71 6.09 -0.93
N ASN C 72 -25.44 4.98 -0.75
CA ASN C 72 -26.65 4.99 0.05
C ASN C 72 -26.46 5.73 1.37
N PHE C 73 -25.29 5.54 2.00
CA PHE C 73 -24.97 6.27 3.22
C PHE C 73 -25.04 7.78 3.04
N LEU C 74 -24.11 8.33 2.24
CA LEU C 74 -24.01 9.78 2.08
C LEU C 74 -25.35 10.41 1.78
N GLU C 75 -26.10 9.83 0.83
CA GLU C 75 -27.42 10.36 0.50
C GLU C 75 -28.38 10.23 1.68
N SER C 76 -28.42 9.05 2.31
CA SER C 76 -29.34 8.80 3.42
C SER C 76 -29.24 9.85 4.52
N LYS C 77 -28.02 10.11 5.00
CA LYS C 77 -27.83 11.02 6.13
C LYS C 77 -27.55 12.44 5.72
N ARG C 78 -27.69 12.76 4.42
CA ARG C 78 -27.67 14.13 3.92
C ARG C 78 -26.37 14.84 4.34
N ILE C 79 -25.25 14.31 3.85
CA ILE C 79 -23.97 14.85 4.28
C ILE C 79 -23.64 16.13 3.52
N PHE C 80 -24.01 16.23 2.25
CA PHE C 80 -23.72 17.43 1.48
C PHE C 80 -24.43 18.66 2.03
N PHE C 81 -25.33 18.48 3.00
CA PHE C 81 -26.00 19.57 3.70
C PHE C 81 -25.41 19.86 5.08
N GLU C 82 -24.29 19.22 5.44
CA GLU C 82 -23.74 19.35 6.80
C GLU C 82 -23.63 20.80 7.25
N LYS C 83 -24.21 21.08 8.42
CA LYS C 83 -24.20 22.44 8.94
C LYS C 83 -22.79 22.89 9.31
N GLU C 84 -22.10 22.13 10.15
CA GLU C 84 -20.78 22.51 10.65
C GLU C 84 -19.79 21.36 10.51
N LEU C 85 -18.51 21.73 10.60
CA LEU C 85 -17.40 20.80 10.64
C LEU C 85 -16.32 21.40 11.52
N ILE C 86 -15.74 20.59 12.41
CA ILE C 86 -14.87 21.08 13.47
C ILE C 86 -13.46 20.56 13.24
N ILE C 87 -12.47 21.45 13.39
CA ILE C 87 -11.06 21.07 13.45
C ILE C 87 -10.45 21.48 14.80
N SER C 88 -10.20 20.48 15.65
CA SER C 88 -9.46 20.66 16.90
C SER C 88 -10.06 21.73 17.82
N ASN C 89 -11.38 21.69 17.98
CA ASN C 89 -12.22 22.56 18.83
C ASN C 89 -12.63 23.85 18.13
N ASP C 90 -12.27 24.05 16.86
CA ASP C 90 -12.70 25.21 16.09
C ASP C 90 -13.71 24.71 15.08
N THR C 91 -14.89 25.34 15.07
CA THR C 91 -16.00 24.87 14.25
C THR C 91 -16.16 25.76 13.03
N ASN C 92 -15.87 25.19 11.86
CA ASN C 92 -15.97 25.88 10.58
C ASN C 92 -17.32 25.58 9.94
N ASP C 93 -18.06 26.62 9.58
CA ASP C 93 -19.34 26.45 8.91
C ASP C 93 -19.09 26.36 7.41
N ILE C 94 -19.71 25.38 6.76
CA ILE C 94 -19.39 25.06 5.37
C ILE C 94 -20.35 25.85 4.47
N THR C 95 -19.79 26.80 3.73
CA THR C 95 -20.57 27.66 2.86
C THR C 95 -20.99 26.96 1.56
N GLU C 96 -20.06 26.33 0.87
CA GLU C 96 -20.34 25.80 -0.46
C GLU C 96 -19.68 24.45 -0.70
N VAL C 97 -20.46 23.48 -1.18
CA VAL C 97 -20.02 22.10 -1.31
C VAL C 97 -20.28 21.63 -2.74
N ASN C 98 -19.35 20.85 -3.29
CA ASN C 98 -19.45 20.32 -4.64
C ASN C 98 -19.59 18.80 -4.55
N VAL C 99 -20.40 18.20 -5.42
CA VAL C 99 -20.44 16.74 -5.51
C VAL C 99 -20.53 16.30 -6.98
N HIS C 100 -19.46 15.67 -7.48
CA HIS C 100 -19.59 14.88 -8.69
C HIS C 100 -20.03 13.46 -8.31
N LYS C 101 -20.92 12.88 -9.12
CA LYS C 101 -21.44 11.53 -8.91
C LYS C 101 -21.56 10.79 -10.24
N ASP C 102 -20.98 9.59 -10.32
CA ASP C 102 -20.82 8.89 -11.58
C ASP C 102 -20.19 7.52 -11.32
N MET C 103 -20.01 6.70 -12.36
CA MET C 103 -19.35 5.41 -12.23
C MET C 103 -18.18 5.31 -13.20
N ASP C 104 -17.32 4.31 -12.98
CA ASP C 104 -16.13 4.25 -13.82
C ASP C 104 -15.61 2.81 -13.86
N HIS C 105 -14.93 2.49 -14.96
CA HIS C 105 -14.30 1.19 -15.12
C HIS C 105 -13.27 0.98 -14.02
N PHE C 106 -13.30 -0.20 -13.42
CA PHE C 106 -12.36 -0.56 -12.35
C PHE C 106 -11.88 -1.97 -12.65
N GLY C 107 -10.58 -2.14 -12.85
CA GLY C 107 -10.05 -3.45 -13.14
C GLY C 107 -8.85 -3.38 -14.09
N THR C 108 -8.54 -4.54 -14.65
CA THR C 108 -7.45 -4.68 -15.61
C THR C 108 -7.79 -3.97 -16.91
N THR C 109 -6.77 -3.40 -17.54
CA THR C 109 -6.94 -2.76 -18.84
C THR C 109 -5.84 -3.22 -19.81
N ASP C 110 -6.06 -2.89 -21.08
CA ASP C 110 -5.12 -3.21 -22.15
C ASP C 110 -3.92 -2.28 -22.15
N LYS C 111 -4.17 -0.98 -21.98
CA LYS C 111 -3.13 0.03 -21.93
C LYS C 111 -2.42 0.00 -20.58
N ILE C 112 -1.40 0.84 -20.44
CA ILE C 112 -0.65 0.99 -19.20
C ILE C 112 -0.93 2.40 -18.70
N LEU C 113 -1.37 2.51 -17.45
CA LEU C 113 -1.87 3.76 -16.91
C LEU C 113 -0.91 4.32 -15.86
N LYS C 114 -0.74 5.64 -15.87
CA LYS C 114 0.12 6.33 -14.93
C LYS C 114 -0.71 6.88 -13.78
N TYR C 115 -0.17 6.76 -12.56
CA TYR C 115 -0.86 7.26 -11.37
C TYR C 115 0.11 8.12 -10.55
N GLN C 116 -0.45 8.91 -9.63
CA GLN C 116 0.35 9.67 -8.68
C GLN C 116 -0.39 9.84 -7.36
N PHE C 117 0.36 9.78 -6.25
CA PHE C 117 -0.22 9.82 -4.91
C PHE C 117 -0.44 11.26 -4.47
N LYS C 118 -1.69 11.61 -4.15
CA LYS C 118 -1.97 12.89 -3.50
C LYS C 118 -1.66 12.86 -2.00
N THR C 119 -2.10 11.80 -1.31
CA THR C 119 -1.78 11.57 0.08
C THR C 119 -0.75 10.46 0.18
N PRO C 120 0.29 10.63 0.99
CA PRO C 120 1.40 9.67 0.98
C PRO C 120 1.00 8.25 1.34
N TRP C 121 1.33 7.32 0.43
CA TRP C 121 1.01 5.91 0.57
C TRP C 121 1.76 5.31 1.76
N MET C 122 1.05 4.55 2.59
CA MET C 122 1.70 3.76 3.63
C MET C 122 1.61 2.29 3.25
N ALA C 123 2.72 1.74 2.78
CA ALA C 123 2.72 0.41 2.18
C ALA C 123 2.86 -0.67 3.24
N LEU C 124 3.72 -0.43 4.22
CA LEU C 124 4.32 -1.48 5.03
C LEU C 124 3.55 -1.68 6.32
N ASN C 125 3.18 -2.93 6.60
CA ASN C 125 2.66 -3.28 7.90
C ASN C 125 3.84 -3.55 8.83
N ALA C 126 3.56 -3.98 10.07
CA ALA C 126 4.61 -4.28 11.03
C ALA C 126 5.71 -5.13 10.39
N LYS C 127 5.37 -6.39 10.08
CA LYS C 127 6.30 -7.30 9.42
C LYS C 127 6.93 -6.67 8.17
N ASN C 128 6.07 -6.16 7.28
CA ASN C 128 6.55 -5.53 6.05
C ASN C 128 7.47 -4.34 6.32
N SER C 129 7.19 -3.57 7.38
CA SER C 129 8.08 -2.46 7.71
C SER C 129 9.46 -2.96 8.12
N GLU C 130 9.52 -4.01 8.93
CA GLU C 130 10.81 -4.58 9.31
C GLU C 130 11.59 -5.02 8.07
N ILE C 131 10.97 -5.78 7.17
CA ILE C 131 11.63 -6.23 5.95
C ILE C 131 12.21 -5.04 5.20
N TYR C 132 11.46 -3.95 5.11
CA TYR C 132 11.89 -2.80 4.31
C TYR C 132 13.04 -2.04 4.96
N LYS C 133 13.09 -2.03 6.30
CA LYS C 133 14.07 -1.20 7.00
C LYS C 133 15.50 -1.66 6.73
N ASN C 134 15.72 -2.96 6.61
CA ASN C 134 17.00 -3.48 6.09
C ASN C 134 16.77 -4.19 4.77
N SER C 135 17.04 -3.49 3.67
CA SER C 135 17.14 -4.08 2.34
C SER C 135 17.85 -3.08 1.44
N ASP C 136 18.48 -3.59 0.39
CA ASP C 136 19.18 -2.71 -0.54
C ASP C 136 18.16 -1.80 -1.23
N GLU C 137 18.63 -0.62 -1.64
CA GLU C 137 17.77 0.29 -2.40
C GLU C 137 17.05 -0.45 -3.52
N ILE C 138 17.73 -1.38 -4.18
CA ILE C 138 17.14 -2.12 -5.29
C ILE C 138 16.12 -3.13 -4.76
N ASP C 139 16.50 -3.89 -3.73
CA ASP C 139 15.57 -4.83 -3.12
C ASP C 139 14.31 -4.13 -2.63
N ARG C 140 14.48 -2.98 -1.98
CA ARG C 140 13.32 -2.19 -1.52
C ARG C 140 12.34 -1.95 -2.66
N GLU C 141 12.83 -1.44 -3.80
CA GLU C 141 11.95 -1.18 -4.94
C GLU C 141 11.13 -2.41 -5.29
N GLU C 142 11.80 -3.54 -5.53
CA GLU C 142 11.08 -4.78 -5.83
C GLU C 142 10.02 -5.05 -4.77
N PHE C 143 10.41 -4.96 -3.51
CA PHE C 143 9.50 -5.19 -2.39
C PHE C 143 8.25 -4.34 -2.52
N LEU C 144 8.43 -3.02 -2.64
CA LEU C 144 7.32 -2.09 -2.77
C LEU C 144 6.41 -2.44 -3.95
N LYS C 145 6.98 -2.97 -5.04
CA LYS C 145 6.13 -3.41 -6.15
C LYS C 145 5.20 -4.54 -5.70
N ARG C 146 5.77 -5.57 -5.07
CA ARG C 146 4.97 -6.66 -4.52
C ARG C 146 3.85 -6.12 -3.63
N VAL C 147 4.19 -5.22 -2.71
CA VAL C 147 3.20 -4.68 -1.77
C VAL C 147 2.16 -3.83 -2.50
N LEU C 148 2.52 -3.24 -3.63
CA LEU C 148 1.55 -2.46 -4.38
C LEU C 148 0.59 -3.36 -5.14
N ILE C 149 1.11 -4.44 -5.73
CA ILE C 149 0.23 -5.44 -6.34
C ILE C 149 -0.74 -5.98 -5.29
N GLY C 150 -0.19 -6.56 -4.22
CA GLY C 150 -1.03 -7.07 -3.15
C GLY C 150 -2.09 -6.09 -2.70
N ASN C 151 -1.72 -4.82 -2.59
CA ASN C 151 -2.68 -3.77 -2.26
C ASN C 151 -3.86 -3.80 -3.22
N ILE C 152 -3.58 -3.84 -4.52
CA ILE C 152 -4.64 -3.89 -5.53
C ILE C 152 -5.51 -5.13 -5.33
N LEU C 153 -4.87 -6.28 -5.09
CA LEU C 153 -5.62 -7.49 -4.76
C LEU C 153 -6.51 -7.26 -3.54
N SER C 154 -5.95 -6.67 -2.47
CA SER C 154 -6.74 -6.45 -1.26
C SER C 154 -7.90 -5.49 -1.51
N MET C 155 -7.75 -4.59 -2.48
CA MET C 155 -8.86 -3.71 -2.84
C MET C 155 -9.92 -4.47 -3.63
N SER C 156 -9.50 -5.16 -4.68
CA SER C 156 -10.46 -5.82 -5.55
C SER C 156 -11.09 -7.03 -4.89
N LYS C 157 -10.49 -7.53 -3.79
CA LYS C 157 -11.07 -8.65 -3.07
C LYS C 157 -12.33 -8.22 -2.34
N SER C 158 -12.21 -7.20 -1.48
CA SER C 158 -13.37 -6.71 -0.76
C SER C 158 -14.43 -6.22 -1.73
N LEU C 159 -14.00 -5.60 -2.83
CA LEU C 159 -14.91 -4.92 -3.74
C LEU C 159 -15.60 -5.89 -4.71
N GLY C 160 -15.28 -7.18 -4.65
CA GLY C 160 -16.01 -8.17 -5.40
C GLY C 160 -15.50 -8.46 -6.80
N TYR C 161 -14.24 -8.16 -7.11
CA TYR C 161 -13.72 -8.31 -8.46
C TYR C 161 -12.52 -9.26 -8.44
N THR C 162 -12.66 -10.40 -9.11
CA THR C 162 -11.55 -11.33 -9.34
C THR C 162 -10.84 -10.95 -10.63
N ILE C 163 -9.51 -10.95 -10.60
CA ILE C 163 -8.71 -10.54 -11.76
C ILE C 163 -7.98 -11.75 -12.31
N GLU C 164 -8.26 -12.06 -13.57
CA GLU C 164 -7.62 -13.18 -14.26
C GLU C 164 -6.26 -12.80 -14.84
N GLU C 165 -6.11 -11.60 -15.38
CA GLU C 165 -4.85 -11.21 -16.00
C GLU C 165 -3.79 -10.98 -14.91
N LYS C 166 -2.64 -10.43 -15.32
CA LYS C 166 -1.53 -10.22 -14.40
C LYS C 166 -1.27 -8.72 -14.26
N LEU C 167 -0.63 -8.37 -13.13
CA LEU C 167 -0.34 -6.98 -12.80
C LEU C 167 1.14 -6.67 -13.00
N LYS C 168 1.42 -5.57 -13.72
CA LYS C 168 2.75 -5.05 -13.93
C LYS C 168 2.82 -3.67 -13.29
N VAL C 169 3.89 -3.38 -12.56
CA VAL C 169 4.06 -2.06 -11.97
C VAL C 169 5.46 -1.51 -12.18
N LYS C 170 5.54 -0.25 -12.60
CA LYS C 170 6.78 0.54 -12.56
C LYS C 170 6.54 1.62 -11.52
N ILE C 171 7.25 1.56 -10.41
CA ILE C 171 7.11 2.54 -9.35
C ILE C 171 8.22 3.58 -9.47
N ASN C 172 7.88 4.83 -9.19
CA ASN C 172 8.85 5.89 -8.96
C ASN C 172 8.41 6.61 -7.70
N LEU C 173 9.17 6.44 -6.61
CA LEU C 173 8.71 6.84 -5.30
C LEU C 173 9.87 7.41 -4.50
N LYS C 174 9.55 8.36 -3.62
CA LYS C 174 10.47 8.85 -2.62
C LYS C 174 9.86 8.60 -1.23
N GLU C 175 10.72 8.58 -0.23
CA GLU C 175 10.28 8.31 1.14
C GLU C 175 9.88 9.61 1.82
N VAL C 176 8.81 9.55 2.60
CA VAL C 176 8.35 10.70 3.39
C VAL C 176 7.76 10.23 4.72
N PRO C 177 7.94 10.98 5.80
CA PRO C 177 7.47 10.52 7.10
C PRO C 177 6.00 10.85 7.30
N VAL C 178 5.31 9.97 8.04
CA VAL C 178 3.94 10.21 8.49
C VAL C 178 3.76 9.63 9.88
N LYS C 179 3.00 10.32 10.71
CA LYS C 179 2.77 9.90 12.08
C LYS C 179 1.38 9.27 12.18
N PHE C 180 1.30 8.08 12.79
CA PHE C 180 0.03 7.40 12.95
C PHE C 180 0.04 6.63 14.26
N LYS C 181 -1.05 6.74 15.03
CA LYS C 181 -1.13 6.19 16.38
C LYS C 181 0.12 6.54 17.18
N ASN C 182 0.49 7.82 17.14
CA ASN C 182 1.60 8.35 17.92
C ASN C 182 2.91 7.66 17.58
N GLN C 183 3.00 7.11 16.37
CA GLN C 183 4.15 6.33 15.93
C GLN C 183 4.73 6.98 14.69
N ASN C 184 6.02 6.71 14.44
CA ASN C 184 6.75 7.28 13.31
C ASN C 184 6.70 6.42 12.05
N MET C 185 5.75 5.50 11.91
CA MET C 185 5.71 4.59 10.76
C MET C 185 5.94 5.36 9.46
N VAL C 186 6.54 4.70 8.48
CA VAL C 186 7.03 5.39 7.30
C VAL C 186 6.00 5.29 6.18
N GLY C 187 6.07 6.24 5.24
CA GLY C 187 5.17 6.26 4.10
C GLY C 187 5.91 6.71 2.87
N PHE C 188 5.21 6.64 1.73
CA PHE C 188 5.82 6.96 0.44
C PHE C 188 4.97 7.97 -0.31
N ARG C 189 5.62 8.70 -1.22
CA ARG C 189 4.94 9.62 -2.11
C ARG C 189 5.67 9.63 -3.45
N GLY C 190 4.91 9.77 -4.52
CA GLY C 190 5.48 9.66 -5.85
C GLY C 190 4.42 9.29 -6.88
N GLU C 191 4.86 8.62 -7.93
CA GLU C 191 4.01 8.26 -9.05
C GLU C 191 4.42 6.89 -9.56
N PHE C 192 3.46 6.14 -10.08
CA PHE C 192 3.76 4.80 -10.58
C PHE C 192 3.01 4.54 -11.89
N TYR C 193 3.08 3.29 -12.32
CA TYR C 193 2.55 2.83 -13.60
C TYR C 193 2.02 1.42 -13.41
N ILE C 194 0.82 1.12 -13.92
CA ILE C 194 0.23 -0.20 -13.74
C ILE C 194 -0.77 -0.46 -14.85
N ASN C 195 -1.14 -1.73 -15.02
CA ASN C 195 -2.08 -2.17 -16.05
C ASN C 195 -3.49 -2.27 -15.51
N PHE C 196 -3.76 -1.63 -14.38
CA PHE C 196 -5.04 -1.64 -13.68
C PHE C 196 -5.68 -0.27 -13.80
N ASP C 197 -7.00 -0.22 -13.67
CA ASP C 197 -7.74 1.03 -13.62
C ASP C 197 -8.13 1.28 -12.17
N ILE C 198 -7.60 2.35 -11.59
CA ILE C 198 -7.90 2.72 -10.22
C ILE C 198 -8.76 3.98 -10.24
N PRO C 199 -10.05 3.89 -9.93
CA PRO C 199 -10.95 5.05 -9.99
C PRO C 199 -10.43 6.21 -9.15
N GLN C 200 -10.59 7.41 -9.70
CA GLN C 200 -9.97 8.62 -9.16
C GLN C 200 -10.23 8.79 -7.67
N TYR C 201 -9.18 9.18 -6.94
CA TYR C 201 -9.27 9.59 -5.53
C TYR C 201 -9.57 8.46 -4.54
N LEU C 202 -9.21 7.21 -4.82
CA LEU C 202 -9.50 6.15 -3.85
C LEU C 202 -8.27 5.28 -3.64
N GLY C 203 -8.23 4.62 -2.48
CA GLY C 203 -7.13 3.71 -2.18
C GLY C 203 -5.87 4.41 -1.70
N ILE C 204 -4.74 3.71 -1.78
CA ILE C 204 -4.75 2.30 -2.19
C ILE C 204 -3.93 1.38 -1.26
N GLY C 205 -3.31 1.91 -0.22
CA GLY C 205 -2.41 1.06 0.53
C GLY C 205 -2.72 0.57 1.93
N ARG C 206 -3.23 1.45 2.78
CA ARG C 206 -3.47 1.16 4.19
C ARG C 206 -4.05 2.44 4.79
N ASN C 207 -4.77 2.28 5.90
CA ASN C 207 -5.45 3.38 6.57
C ASN C 207 -6.05 4.34 5.54
N VAL C 208 -6.84 3.76 4.62
CA VAL C 208 -7.36 4.56 3.51
C VAL C 208 -8.45 5.49 3.99
N SER C 209 -9.21 5.08 5.01
CA SER C 209 -10.33 5.89 5.44
C SER C 209 -9.85 7.13 6.17
N ARG C 210 -8.60 7.13 6.63
CA ARG C 210 -7.97 8.29 7.23
C ARG C 210 -7.42 9.24 6.17
N GLY C 211 -7.54 8.88 4.90
CA GLY C 211 -7.11 9.70 3.78
C GLY C 211 -5.82 9.26 3.14
N PHE C 212 -5.09 8.32 3.74
CA PHE C 212 -3.79 7.91 3.25
C PHE C 212 -3.90 7.20 1.90
N GLY C 213 -2.78 7.19 1.19
CA GLY C 213 -2.64 6.43 -0.04
C GLY C 213 -3.41 6.93 -1.24
N THR C 214 -4.07 8.08 -1.16
CA THR C 214 -4.92 8.54 -2.26
C THR C 214 -4.13 8.61 -3.56
N VAL C 215 -4.67 7.99 -4.60
CA VAL C 215 -4.03 7.94 -5.90
C VAL C 215 -4.87 8.71 -6.91
N VAL C 216 -4.20 9.27 -7.93
CA VAL C 216 -4.82 10.06 -8.98
C VAL C 216 -4.17 9.62 -10.29
N LYS C 217 -4.74 10.05 -11.41
CA LYS C 217 -4.34 9.57 -12.73
C LYS C 217 -3.41 10.57 -13.41
N VAL C 218 -2.44 10.04 -14.16
CA VAL C 218 -1.45 10.79 -14.92
C VAL C 218 -0.98 12.07 -14.20
N MET D 1 -0.36 -21.76 -30.20
CA MET D 1 -1.37 -22.33 -29.33
C MET D 1 -1.40 -23.84 -29.52
N ASP D 2 -1.12 -24.29 -30.75
CA ASP D 2 -1.10 -25.71 -31.07
C ASP D 2 0.35 -26.19 -31.10
N LEU D 3 0.56 -27.45 -30.73
CA LEU D 3 1.93 -27.98 -30.64
C LEU D 3 2.02 -29.28 -31.40
N GLU D 4 2.89 -29.30 -32.42
CA GLU D 4 3.05 -30.51 -33.22
C GLU D 4 3.94 -31.46 -32.44
N TYR D 5 3.73 -32.77 -32.58
CA TYR D 5 4.61 -33.66 -31.85
C TYR D 5 4.68 -35.05 -32.46
N MET D 6 5.79 -35.75 -32.20
CA MET D 6 5.92 -37.14 -32.62
C MET D 6 6.49 -37.96 -31.48
N HIS D 7 5.77 -38.94 -30.92
CA HIS D 7 6.38 -39.91 -30.02
C HIS D 7 6.57 -41.24 -30.75
N ILE D 8 7.80 -41.75 -30.68
CA ILE D 8 8.16 -43.03 -31.29
C ILE D 8 8.62 -44.02 -30.23
N SER D 9 7.88 -45.13 -30.11
CA SER D 9 8.02 -46.15 -29.09
C SER D 9 8.47 -47.43 -29.78
N TYR D 10 9.39 -48.16 -29.16
CA TYR D 10 9.88 -49.44 -29.67
C TYR D 10 9.45 -50.55 -28.71
N PRO D 11 8.18 -50.98 -28.77
CA PRO D 11 7.60 -51.78 -27.68
C PRO D 11 8.20 -53.17 -27.48
N ASN D 12 8.97 -53.70 -28.41
CA ASN D 12 9.50 -55.05 -28.27
C ASN D 12 10.79 -55.09 -27.46
N ILE D 13 11.40 -53.94 -27.20
CA ILE D 13 12.66 -53.85 -26.48
C ILE D 13 12.36 -53.57 -25.02
N LEU D 14 13.01 -54.30 -24.13
CA LEU D 14 12.75 -54.23 -22.69
C LEU D 14 13.95 -53.62 -21.99
N LEU D 15 13.76 -52.44 -21.42
CA LEU D 15 14.80 -51.69 -20.74
C LEU D 15 14.34 -51.45 -19.31
N ASN D 16 15.28 -51.25 -18.39
CA ASN D 16 14.84 -50.97 -17.04
C ASN D 16 14.43 -49.52 -16.94
N MET D 17 13.50 -49.25 -16.02
CA MET D 17 12.92 -47.91 -15.87
C MET D 17 13.99 -46.83 -15.88
N ARG D 18 15.18 -47.15 -15.37
CA ARG D 18 16.28 -46.22 -15.13
C ARG D 18 17.28 -46.11 -16.28
N ASP D 19 17.02 -46.74 -17.42
CA ASP D 19 17.98 -46.83 -18.52
C ASP D 19 17.85 -45.69 -19.51
N GLY D 20 16.87 -44.81 -19.34
CA GLY D 20 16.66 -43.73 -20.31
C GLY D 20 17.97 -43.06 -20.67
N SER D 21 18.73 -42.63 -19.66
CA SER D 21 19.99 -41.93 -19.95
C SER D 21 20.82 -42.74 -20.92
N LYS D 22 20.97 -44.05 -20.64
CA LYS D 22 21.75 -44.93 -21.51
C LYS D 22 21.33 -44.75 -22.97
N LEU D 23 20.01 -44.80 -23.20
CA LEU D 23 19.48 -44.77 -24.56
C LEU D 23 19.70 -43.42 -25.22
N ARG D 24 19.62 -42.34 -24.43
CA ARG D 24 19.98 -41.02 -24.93
C ARG D 24 21.38 -41.08 -25.53
N GLY D 25 22.33 -41.57 -24.74
CA GLY D 25 23.72 -41.66 -25.19
C GLY D 25 23.87 -42.29 -26.56
N TYR D 26 23.27 -43.47 -26.75
CA TYR D 26 23.43 -44.21 -28.00
C TYR D 26 23.15 -43.35 -29.21
N PHE D 27 21.95 -42.77 -29.29
CA PHE D 27 21.62 -41.92 -30.42
C PHE D 27 22.65 -40.81 -30.54
N ALA D 28 22.87 -40.10 -29.44
CA ALA D 28 23.85 -39.01 -29.40
C ALA D 28 25.19 -39.39 -30.00
N LYS D 29 25.67 -40.62 -29.75
CA LYS D 29 27.00 -41.01 -30.23
C LYS D 29 27.00 -41.30 -31.73
N LYS D 30 25.97 -41.97 -32.23
CA LYS D 30 25.91 -42.32 -33.64
C LYS D 30 25.65 -41.10 -34.51
N TYR D 31 24.84 -40.17 -34.01
CA TYR D 31 24.39 -38.95 -34.64
C TYR D 31 25.22 -37.71 -34.31
N ILE D 32 26.48 -37.84 -33.87
CA ILE D 32 27.25 -36.63 -33.58
C ILE D 32 27.35 -35.84 -34.89
N ASP D 33 27.44 -34.51 -34.76
CA ASP D 33 27.41 -33.49 -35.83
C ASP D 33 25.98 -33.05 -36.13
N GLU D 34 25.00 -33.54 -35.37
CA GLU D 34 23.61 -33.14 -35.56
C GLU D 34 23.07 -32.22 -34.47
N GLU D 35 23.89 -31.86 -33.49
CA GLU D 35 23.45 -31.04 -32.36
C GLU D 35 22.21 -31.36 -31.54
N ILE D 36 21.12 -31.85 -32.14
CA ILE D 36 19.92 -31.86 -31.33
C ILE D 36 19.98 -32.98 -30.29
N VAL D 37 20.55 -34.13 -30.63
CA VAL D 37 20.48 -35.21 -29.64
C VAL D 37 21.53 -34.99 -28.56
N HIS D 38 22.81 -34.89 -28.97
CA HIS D 38 23.90 -34.96 -28.01
C HIS D 38 23.71 -33.94 -26.90
N ASN D 39 23.68 -32.68 -27.33
CA ASN D 39 23.00 -31.52 -26.79
C ASN D 39 23.97 -30.37 -26.50
N HIS D 40 25.15 -30.34 -27.15
CA HIS D 40 26.12 -29.29 -26.88
C HIS D 40 26.67 -28.88 -28.23
N ARG D 41 27.21 -27.66 -28.30
CA ARG D 41 27.93 -27.12 -29.45
C ARG D 41 29.34 -26.63 -29.17
N ASP D 42 30.31 -27.10 -29.97
CA ASP D 42 31.71 -26.66 -29.89
C ASP D 42 32.17 -26.49 -28.44
N ASN D 43 31.64 -27.38 -27.59
CA ASN D 43 31.75 -27.40 -26.14
C ASN D 43 31.20 -26.16 -25.45
N ALA D 44 30.33 -25.40 -26.12
CA ALA D 44 29.47 -24.43 -25.45
C ALA D 44 28.09 -25.06 -25.29
N PHE D 45 27.60 -25.21 -24.05
CA PHE D 45 26.36 -25.97 -23.92
C PHE D 45 25.21 -25.11 -24.45
N VAL D 46 24.18 -25.77 -25.00
CA VAL D 46 22.95 -25.09 -25.38
C VAL D 46 21.94 -25.13 -24.23
N TYR D 47 21.45 -23.97 -23.83
CA TYR D 47 20.44 -23.86 -22.78
C TYR D 47 19.12 -23.44 -23.38
N LYS D 48 18.27 -24.43 -23.68
CA LYS D 48 16.90 -24.24 -24.12
C LYS D 48 16.21 -25.59 -23.92
N TYR D 49 14.88 -25.56 -23.80
CA TYR D 49 14.14 -26.79 -23.60
C TYR D 49 14.49 -27.78 -24.71
N PRO D 50 14.90 -29.01 -24.39
CA PRO D 50 15.19 -30.00 -25.44
C PRO D 50 13.96 -30.30 -26.29
N GLN D 51 14.10 -30.11 -27.60
CA GLN D 51 13.01 -30.41 -28.51
C GLN D 51 12.93 -31.90 -28.79
N ILE D 52 14.07 -32.59 -28.75
CA ILE D 52 14.13 -34.04 -28.82
C ILE D 52 14.38 -34.57 -27.43
N GLN D 53 13.61 -35.57 -27.02
CA GLN D 53 13.80 -36.22 -25.73
C GLN D 53 13.77 -37.72 -25.91
N PHE D 54 14.47 -38.41 -25.01
CA PHE D 54 14.46 -39.86 -24.94
C PHE D 54 13.98 -40.24 -23.56
N LYS D 55 13.17 -41.29 -23.47
CA LYS D 55 12.74 -41.78 -22.17
C LYS D 55 12.25 -43.20 -22.34
N ILE D 56 12.25 -43.94 -21.24
CA ILE D 56 11.66 -45.26 -21.21
C ILE D 56 10.38 -45.24 -20.39
N ILE D 57 9.29 -45.71 -20.98
CA ILE D 57 8.01 -45.80 -20.29
C ILE D 57 7.58 -47.26 -20.40
N ASP D 58 7.15 -47.83 -19.27
CA ASP D 58 6.64 -49.20 -19.26
C ASP D 58 7.66 -50.20 -19.79
N ARG D 59 8.96 -49.93 -19.61
CA ARG D 59 10.10 -50.77 -20.02
C ARG D 59 10.38 -50.66 -21.52
N SER D 60 9.59 -49.91 -22.25
CA SER D 60 9.89 -49.83 -23.66
C SER D 60 10.29 -48.41 -24.04
N PRO D 61 11.22 -48.27 -24.98
CA PRO D 61 11.83 -46.97 -25.24
C PRO D 61 10.92 -46.04 -26.00
N LEU D 62 11.01 -44.75 -25.68
CA LEU D 62 10.11 -43.73 -26.21
C LEU D 62 10.93 -42.49 -26.55
N ILE D 63 10.88 -42.10 -27.81
CA ILE D 63 11.52 -40.90 -28.32
C ILE D 63 10.48 -39.80 -28.48
N ILE D 64 10.88 -38.56 -28.25
CA ILE D 64 9.92 -37.46 -28.33
C ILE D 64 10.52 -36.40 -29.21
N GLY D 65 9.67 -35.71 -29.96
CA GLY D 65 10.13 -34.56 -30.72
C GLY D 65 9.07 -33.49 -30.80
N ILE D 66 9.51 -32.22 -30.92
CA ILE D 66 8.65 -31.07 -30.61
C ILE D 66 8.93 -29.99 -31.64
N GLY D 67 7.88 -29.41 -32.21
CA GLY D 67 8.07 -28.36 -33.19
C GLY D 67 8.58 -28.85 -34.53
N SER D 68 8.37 -28.04 -35.58
CA SER D 68 8.82 -28.44 -36.91
C SER D 68 10.30 -28.83 -36.92
N LEU D 69 11.13 -28.15 -36.13
CA LEU D 69 12.56 -28.45 -36.07
C LEU D 69 12.81 -29.89 -35.67
N GLY D 70 12.46 -30.27 -34.44
CA GLY D 70 12.72 -31.62 -33.98
C GLY D 70 12.03 -32.66 -34.83
N ILE D 71 10.81 -32.37 -35.31
CA ILE D 71 10.09 -33.32 -36.13
C ILE D 71 10.82 -33.52 -37.46
N ASN D 72 11.23 -32.41 -38.08
CA ASN D 72 12.06 -32.52 -39.29
C ASN D 72 13.16 -33.53 -39.10
N PHE D 73 13.78 -33.53 -37.92
CA PHE D 73 14.83 -34.48 -37.56
C PHE D 73 14.39 -35.94 -37.67
N LEU D 74 13.46 -36.39 -36.83
CA LEU D 74 13.09 -37.81 -36.85
C LEU D 74 12.81 -38.31 -38.27
N GLU D 75 11.99 -37.55 -39.02
CA GLU D 75 11.71 -37.96 -40.40
C GLU D 75 12.97 -37.90 -41.26
N SER D 76 13.70 -36.78 -41.19
CA SER D 76 14.90 -36.58 -42.00
C SER D 76 15.91 -37.71 -41.82
N LYS D 77 16.21 -38.03 -40.57
CA LYS D 77 17.25 -38.99 -40.22
C LYS D 77 16.71 -40.40 -40.06
N ARG D 78 15.44 -40.61 -40.43
CA ARG D 78 14.82 -41.91 -40.55
C ARG D 78 14.93 -42.65 -39.21
N ILE D 79 14.32 -42.06 -38.18
CA ILE D 79 14.51 -42.67 -36.88
C ILE D 79 13.56 -43.86 -36.69
N PHE D 80 12.33 -43.74 -37.20
CA PHE D 80 11.37 -44.82 -37.06
C PHE D 80 11.76 -46.08 -37.82
N PHE D 81 12.79 -46.00 -38.67
CA PHE D 81 13.35 -47.15 -39.37
C PHE D 81 14.65 -47.66 -38.77
N GLU D 82 15.08 -47.12 -37.63
CA GLU D 82 16.39 -47.45 -37.06
C GLU D 82 16.62 -48.95 -37.01
N LYS D 83 17.73 -49.40 -37.60
CA LYS D 83 18.03 -50.82 -37.63
C LYS D 83 18.31 -51.38 -36.25
N GLU D 84 19.29 -50.81 -35.53
CA GLU D 84 19.68 -51.35 -34.24
C GLU D 84 19.79 -50.24 -33.21
N LEU D 85 19.75 -50.65 -31.93
CA LEU D 85 20.01 -49.76 -30.83
C LEU D 85 20.69 -50.57 -29.74
N ILE D 86 21.73 -50.01 -29.13
CA ILE D 86 22.61 -50.78 -28.24
C ILE D 86 22.44 -50.20 -26.85
N ILE D 87 22.34 -51.09 -25.87
CA ILE D 87 22.40 -50.76 -24.46
C ILE D 87 23.65 -51.46 -23.94
N SER D 88 24.66 -50.64 -23.63
CA SER D 88 25.92 -51.04 -23.03
C SER D 88 26.64 -52.07 -23.89
N ASN D 89 26.44 -53.36 -23.68
CA ASN D 89 27.12 -54.33 -24.53
C ASN D 89 26.20 -55.35 -25.20
N ASP D 90 24.89 -55.24 -25.01
CA ASP D 90 23.92 -56.11 -25.66
C ASP D 90 23.17 -55.32 -26.72
N THR D 91 23.16 -55.86 -27.95
CA THR D 91 22.60 -55.16 -29.11
C THR D 91 21.23 -55.75 -29.45
N ASN D 92 20.20 -54.93 -29.27
CA ASN D 92 18.81 -55.30 -29.53
C ASN D 92 18.40 -54.85 -30.92
N ASP D 93 17.88 -55.79 -31.71
CA ASP D 93 17.41 -55.53 -33.05
C ASP D 93 15.95 -55.08 -32.96
N ILE D 94 15.58 -54.01 -33.64
CA ILE D 94 14.27 -53.42 -33.45
C ILE D 94 13.32 -54.04 -34.48
N THR D 95 12.39 -54.86 -33.98
CA THR D 95 11.44 -55.55 -34.83
C THR D 95 10.30 -54.64 -35.31
N GLU D 96 9.68 -53.91 -34.38
CA GLU D 96 8.46 -53.17 -34.68
C GLU D 96 8.39 -51.81 -33.99
N VAL D 97 8.07 -50.77 -34.76
CA VAL D 97 8.10 -49.39 -34.30
C VAL D 97 6.75 -48.76 -34.58
N ASN D 98 6.24 -47.94 -33.65
CA ASN D 98 4.95 -47.30 -33.84
C ASN D 98 5.17 -45.80 -33.94
N VAL D 99 4.44 -45.09 -34.82
CA VAL D 99 4.51 -43.62 -34.77
C VAL D 99 3.17 -42.94 -35.02
N HIS D 100 2.57 -42.34 -33.99
CA HIS D 100 1.54 -41.31 -34.18
C HIS D 100 2.16 -39.91 -34.24
N LYS D 101 1.59 -39.05 -35.09
CA LYS D 101 2.01 -37.66 -35.28
C LYS D 101 0.77 -36.79 -35.43
N ASP D 102 0.69 -35.70 -34.66
CA ASP D 102 -0.53 -34.92 -34.49
C ASP D 102 -0.18 -33.70 -33.64
N MET D 103 -1.16 -32.84 -33.41
CA MET D 103 -0.98 -31.66 -32.57
C MET D 103 -1.99 -31.60 -31.42
N ASP D 104 -1.70 -30.74 -30.44
CA ASP D 104 -2.52 -30.66 -29.24
C ASP D 104 -2.39 -29.27 -28.62
N HIS D 105 -3.44 -28.87 -27.89
CA HIS D 105 -3.46 -27.61 -27.17
C HIS D 105 -2.33 -27.55 -26.14
N PHE D 106 -1.63 -26.41 -26.10
CA PHE D 106 -0.57 -26.22 -25.13
C PHE D 106 -0.70 -24.82 -24.56
N GLY D 107 -0.92 -24.72 -23.25
CA GLY D 107 -1.07 -23.44 -22.60
C GLY D 107 -2.06 -23.50 -21.46
N THR D 108 -2.49 -22.31 -21.04
CA THR D 108 -3.47 -22.13 -19.98
C THR D 108 -4.85 -22.61 -20.41
N THR D 109 -5.61 -23.15 -19.46
CA THR D 109 -6.98 -23.54 -19.72
C THR D 109 -7.88 -23.02 -18.61
N ASP D 110 -9.19 -23.10 -18.88
CA ASP D 110 -10.19 -22.67 -17.90
C ASP D 110 -10.39 -23.69 -16.79
N LYS D 111 -10.49 -24.96 -17.17
CA LYS D 111 -10.64 -26.08 -16.26
C LYS D 111 -9.32 -26.43 -15.57
N ILE D 112 -9.38 -27.39 -14.66
CA ILE D 112 -8.21 -27.88 -13.93
C ILE D 112 -7.95 -29.32 -14.35
N LEU D 113 -6.72 -29.61 -14.77
CA LEU D 113 -6.35 -30.89 -15.37
C LEU D 113 -5.45 -31.66 -14.42
N LYS D 114 -5.66 -32.98 -14.36
CA LYS D 114 -4.85 -33.84 -13.51
C LYS D 114 -3.75 -34.46 -14.36
N TYR D 115 -2.55 -34.53 -13.79
CA TYR D 115 -1.38 -35.10 -14.45
C TYR D 115 -0.70 -36.10 -13.52
N GLN D 116 0.19 -36.93 -14.07
CA GLN D 116 0.99 -37.82 -13.24
C GLN D 116 2.39 -38.08 -13.82
N PHE D 117 3.38 -38.17 -12.93
CA PHE D 117 4.77 -38.35 -13.31
C PHE D 117 5.03 -39.84 -13.54
N LYS D 118 5.44 -40.21 -14.76
CA LYS D 118 5.88 -41.57 -15.02
C LYS D 118 7.32 -41.87 -14.54
N THR D 119 8.26 -40.99 -14.83
CA THR D 119 9.67 -40.78 -14.54
C THR D 119 9.92 -39.65 -13.53
N PRO D 120 10.82 -39.86 -12.57
CA PRO D 120 10.99 -38.90 -11.47
C PRO D 120 11.33 -37.50 -11.97
N TRP D 121 10.51 -36.56 -11.50
CA TRP D 121 10.54 -35.15 -11.86
C TRP D 121 11.80 -34.37 -11.50
N MET D 122 12.33 -34.55 -10.30
CA MET D 122 13.60 -33.97 -9.83
C MET D 122 13.39 -32.47 -9.97
N ALA D 123 13.10 -31.81 -8.87
CA ALA D 123 12.66 -30.42 -8.86
C ALA D 123 13.78 -29.42 -8.80
N LEU D 124 14.78 -29.75 -8.00
CA LEU D 124 15.71 -28.82 -7.39
C LEU D 124 17.02 -28.64 -8.12
N ASN D 125 17.40 -27.40 -8.37
CA ASN D 125 18.75 -27.13 -8.84
C ASN D 125 19.64 -27.11 -7.60
N ALA D 126 20.92 -26.79 -7.76
CA ALA D 126 21.82 -26.79 -6.62
C ALA D 126 21.35 -26.10 -5.33
N LYS D 127 21.27 -24.76 -5.32
CA LYS D 127 20.80 -24.01 -4.15
C LYS D 127 19.45 -24.50 -3.66
N ASN D 128 18.50 -24.61 -4.58
CA ASN D 128 17.14 -25.05 -4.24
C ASN D 128 17.14 -26.41 -3.56
N SER D 129 18.04 -27.32 -3.94
CA SER D 129 18.06 -28.61 -3.26
C SER D 129 18.43 -28.43 -1.78
N GLU D 130 19.42 -27.59 -1.48
CA GLU D 130 19.75 -27.32 -0.08
C GLU D 130 18.52 -26.75 0.63
N ILE D 131 17.89 -25.74 0.01
CA ILE D 131 16.69 -25.12 0.58
C ILE D 131 15.70 -26.21 0.93
N TYR D 132 15.55 -27.20 0.04
CA TYR D 132 14.55 -28.22 0.29
C TYR D 132 15.05 -29.13 1.41
N LYS D 133 16.37 -29.30 1.50
CA LYS D 133 16.95 -30.25 2.45
C LYS D 133 16.69 -29.79 3.88
N ASN D 134 16.73 -28.48 4.13
CA ASN D 134 16.24 -27.92 5.38
C ASN D 134 15.02 -27.04 5.13
N SER D 135 13.83 -27.59 5.34
CA SER D 135 12.61 -26.81 5.42
C SER D 135 11.53 -27.68 6.05
N ASP D 136 10.56 -27.04 6.69
CA ASP D 136 9.48 -27.81 7.29
C ASP D 136 8.70 -28.52 6.18
N GLU D 137 8.07 -29.65 6.53
CA GLU D 137 7.22 -30.35 5.58
C GLU D 137 6.28 -29.42 4.81
N ILE D 138 5.71 -28.41 5.49
CA ILE D 138 4.77 -27.51 4.80
C ILE D 138 5.48 -26.57 3.84
N ASP D 139 6.57 -25.94 4.28
CA ASP D 139 7.34 -25.07 3.38
C ASP D 139 7.77 -25.85 2.15
N ARG D 140 8.25 -27.08 2.34
CA ARG D 140 8.64 -27.92 1.21
C ARG D 140 7.53 -27.99 0.17
N GLU D 141 6.32 -28.35 0.60
CA GLU D 141 5.21 -28.43 -0.35
C GLU D 141 5.08 -27.15 -1.16
N GLU D 142 4.99 -26.01 -0.48
CA GLU D 142 4.94 -24.72 -1.18
C GLU D 142 6.09 -24.60 -2.16
N PHE D 143 7.31 -24.90 -1.68
CA PHE D 143 8.51 -24.81 -2.50
C PHE D 143 8.35 -25.57 -3.81
N LEU D 144 8.06 -26.87 -3.74
CA LEU D 144 7.88 -27.65 -4.96
C LEU D 144 6.81 -27.06 -5.86
N LYS D 145 5.76 -26.49 -5.27
CA LYS D 145 4.76 -25.82 -6.08
C LYS D 145 5.37 -24.66 -6.84
N ARG D 146 6.07 -23.79 -6.12
CA ARG D 146 6.79 -22.67 -6.73
C ARG D 146 7.71 -23.13 -7.86
N VAL D 147 8.52 -24.16 -7.59
CA VAL D 147 9.48 -24.69 -8.56
C VAL D 147 8.77 -25.35 -9.72
N LEU D 148 7.56 -25.84 -9.51
CA LEU D 148 6.79 -26.46 -10.57
C LEU D 148 6.20 -25.44 -11.54
N ILE D 149 5.72 -24.32 -11.01
CA ILE D 149 5.29 -23.23 -11.87
C ILE D 149 6.44 -22.79 -12.77
N GLY D 150 7.56 -22.37 -12.18
CA GLY D 150 8.72 -21.95 -12.97
C GLY D 150 9.06 -22.94 -14.07
N ASN D 151 9.02 -24.23 -13.75
CA ASN D 151 9.22 -25.31 -14.72
C ASN D 151 8.31 -25.13 -15.92
N ILE D 152 7.00 -24.93 -15.67
CA ILE D 152 6.05 -24.73 -16.76
C ILE D 152 6.41 -23.46 -17.54
N LEU D 153 6.74 -22.39 -16.81
CA LEU D 153 7.23 -21.18 -17.45
C LEU D 153 8.47 -21.45 -18.30
N SER D 154 9.44 -22.17 -17.74
CA SER D 154 10.68 -22.44 -18.46
C SER D 154 10.42 -23.29 -19.70
N MET D 155 9.38 -24.11 -19.69
CA MET D 155 9.02 -24.86 -20.88
C MET D 155 8.39 -23.94 -21.91
N SER D 156 7.39 -23.17 -21.49
CA SER D 156 6.66 -22.33 -22.43
C SER D 156 7.51 -21.16 -22.92
N LYS D 157 8.60 -20.87 -22.22
CA LYS D 157 9.50 -19.81 -22.65
C LYS D 157 10.27 -20.23 -23.89
N SER D 158 10.98 -21.37 -23.79
CA SER D 158 11.73 -21.87 -24.94
C SER D 158 10.81 -22.13 -26.11
N LEU D 159 9.60 -22.60 -25.85
CA LEU D 159 8.69 -23.05 -26.90
C LEU D 159 7.96 -21.90 -27.57
N GLY D 160 8.18 -20.66 -27.14
CA GLY D 160 7.62 -19.54 -27.86
C GLY D 160 6.24 -19.15 -27.38
N TYR D 161 5.89 -19.51 -26.15
CA TYR D 161 4.56 -19.28 -25.61
C TYR D 161 4.61 -18.41 -24.37
N THR D 162 4.00 -17.23 -24.49
CA THR D 162 3.79 -16.29 -23.40
C THR D 162 2.47 -16.66 -22.72
N ILE D 163 2.45 -16.59 -21.40
CA ILE D 163 1.29 -17.00 -20.61
C ILE D 163 0.67 -15.73 -20.06
N GLU D 164 -0.59 -15.49 -20.43
CA GLU D 164 -1.28 -14.29 -19.97
C GLU D 164 -1.89 -14.47 -18.58
N GLU D 165 -2.50 -15.62 -18.34
CA GLU D 165 -3.16 -15.95 -17.08
C GLU D 165 -2.13 -16.27 -15.99
N LYS D 166 -2.62 -16.79 -14.86
CA LYS D 166 -1.75 -17.13 -13.75
C LYS D 166 -1.83 -18.64 -13.58
N LEU D 167 -0.80 -19.24 -13.01
CA LEU D 167 -0.76 -20.69 -12.82
C LEU D 167 -0.94 -21.07 -11.35
N LYS D 168 -1.88 -21.98 -11.09
CA LYS D 168 -2.10 -22.56 -9.77
C LYS D 168 -1.85 -24.07 -9.88
N VAL D 169 -1.16 -24.63 -8.89
CA VAL D 169 -0.86 -26.06 -8.85
C VAL D 169 -1.16 -26.64 -7.47
N LYS D 170 -1.83 -27.80 -7.47
CA LYS D 170 -1.98 -28.66 -6.29
C LYS D 170 -1.17 -29.93 -6.53
N ILE D 171 -0.07 -30.09 -5.78
CA ILE D 171 0.81 -31.26 -5.88
C ILE D 171 0.53 -32.27 -4.79
N ASN D 172 0.61 -33.56 -5.14
CA ASN D 172 0.71 -34.63 -4.15
C ASN D 172 1.84 -35.54 -4.60
N LEU D 173 2.97 -35.49 -3.87
CA LEU D 173 4.21 -36.10 -4.32
C LEU D 173 4.96 -36.71 -3.15
N LYS D 174 5.70 -37.79 -3.42
CA LYS D 174 6.65 -38.36 -2.48
C LYS D 174 8.06 -38.33 -3.09
N GLU D 175 9.06 -38.40 -2.22
CA GLU D 175 10.46 -38.37 -2.62
C GLU D 175 10.94 -39.77 -2.97
N VAL D 176 11.77 -39.85 -4.01
CA VAL D 176 12.38 -41.12 -4.39
C VAL D 176 13.78 -40.75 -4.87
N PRO D 177 14.78 -41.57 -4.61
CA PRO D 177 16.15 -41.22 -4.95
C PRO D 177 16.50 -41.52 -6.39
N VAL D 178 17.36 -40.68 -6.96
CA VAL D 178 17.96 -40.94 -8.26
C VAL D 178 19.40 -40.43 -8.24
N LYS D 179 20.30 -41.17 -8.88
CA LYS D 179 21.71 -40.82 -8.92
C LYS D 179 22.02 -40.22 -10.28
N PHE D 180 22.67 -39.07 -10.30
CA PHE D 180 22.99 -38.43 -11.57
C PHE D 180 24.32 -37.70 -11.43
N LYS D 181 25.19 -37.85 -12.44
CA LYS D 181 26.57 -37.36 -12.40
C LYS D 181 27.22 -37.76 -11.09
N ASN D 182 27.04 -39.03 -10.77
CA ASN D 182 27.61 -39.73 -9.64
C ASN D 182 27.21 -39.09 -8.30
N GLN D 183 26.13 -38.32 -8.28
CA GLN D 183 25.77 -37.64 -7.05
C GLN D 183 24.33 -38.07 -6.75
N ASN D 184 23.96 -38.02 -5.48
CA ASN D 184 22.64 -38.45 -5.05
C ASN D 184 21.62 -37.31 -5.00
N MET D 185 21.23 -36.78 -6.16
CA MET D 185 20.31 -35.64 -6.16
C MET D 185 18.90 -36.19 -6.05
N VAL D 186 17.99 -35.44 -5.43
CA VAL D 186 16.70 -35.99 -5.06
C VAL D 186 15.66 -35.66 -6.13
N GLY D 187 14.61 -36.49 -6.19
CA GLY D 187 13.53 -36.30 -7.14
C GLY D 187 12.22 -36.66 -6.49
N PHE D 188 11.13 -36.41 -7.22
CA PHE D 188 9.81 -36.62 -6.67
C PHE D 188 8.98 -37.48 -7.61
N ARG D 189 7.99 -38.14 -7.04
CA ARG D 189 7.04 -38.90 -7.83
C ARG D 189 5.68 -38.81 -7.19
N GLY D 190 4.65 -38.75 -8.02
CA GLY D 190 3.30 -38.52 -7.54
C GLY D 190 2.46 -37.95 -8.67
N GLU D 191 1.45 -37.18 -8.28
CA GLU D 191 0.51 -36.61 -9.24
C GLU D 191 0.15 -35.22 -8.79
N PHE D 192 -0.16 -34.35 -9.75
CA PHE D 192 -0.52 -32.98 -9.40
C PHE D 192 -1.70 -32.55 -10.25
N TYR D 193 -2.03 -31.26 -10.14
CA TYR D 193 -3.20 -30.65 -10.74
C TYR D 193 -2.79 -29.24 -11.15
N ILE D 194 -3.17 -28.82 -12.35
CA ILE D 194 -2.78 -27.51 -12.85
C ILE D 194 -3.79 -27.05 -13.89
N ASN D 195 -3.78 -25.75 -14.17
CA ASN D 195 -4.67 -25.09 -15.11
C ASN D 195 -4.04 -24.96 -16.49
N PHE D 196 -2.99 -25.74 -16.74
CA PHE D 196 -2.23 -25.73 -17.98
C PHE D 196 -2.50 -27.01 -18.75
N ASP D 197 -2.30 -26.95 -20.06
CA ASP D 197 -2.38 -28.14 -20.91
C ASP D 197 -0.95 -28.53 -21.22
N ILE D 198 -0.53 -29.71 -20.75
CA ILE D 198 0.81 -30.18 -21.03
C ILE D 198 0.72 -31.37 -21.98
N PRO D 199 1.10 -31.20 -23.24
CA PRO D 199 1.01 -32.30 -24.21
C PRO D 199 1.72 -33.56 -23.72
N GLN D 200 1.10 -34.70 -23.97
CA GLN D 200 1.51 -35.98 -23.41
C GLN D 200 2.99 -36.24 -23.58
N TYR D 201 3.61 -36.79 -22.52
CA TYR D 201 4.99 -37.28 -22.60
C TYR D 201 6.04 -36.17 -22.70
N LEU D 202 5.80 -34.99 -22.13
CA LEU D 202 6.80 -33.94 -22.22
C LEU D 202 7.07 -33.32 -20.86
N GLY D 203 8.27 -32.75 -20.74
CA GLY D 203 8.69 -32.06 -19.53
C GLY D 203 9.16 -32.99 -18.43
N ILE D 204 9.21 -32.45 -17.21
CA ILE D 204 8.94 -31.03 -17.01
C ILE D 204 10.04 -30.41 -16.14
N GLY D 205 10.97 -31.25 -15.72
CA GLY D 205 11.99 -30.87 -14.78
C GLY D 205 13.36 -30.77 -15.42
N ARG D 206 14.36 -30.64 -14.56
CA ARG D 206 15.72 -30.46 -15.00
C ARG D 206 16.18 -31.78 -15.61
N ASN D 207 17.24 -31.72 -16.42
CA ASN D 207 17.74 -32.86 -17.18
C ASN D 207 16.60 -33.69 -17.78
N VAL D 208 15.73 -32.97 -18.51
CA VAL D 208 14.51 -33.50 -19.10
C VAL D 208 14.82 -34.37 -20.32
N SER D 209 15.91 -34.09 -21.03
CA SER D 209 16.22 -34.79 -22.28
C SER D 209 16.66 -36.23 -22.01
N ARG D 210 17.03 -36.54 -20.77
CA ARG D 210 17.32 -37.91 -20.41
C ARG D 210 16.03 -38.66 -20.13
N GLY D 211 14.90 -37.96 -20.25
CA GLY D 211 13.59 -38.55 -20.08
C GLY D 211 12.93 -38.22 -18.77
N PHE D 212 13.65 -37.61 -17.84
CA PHE D 212 13.12 -37.37 -16.52
C PHE D 212 11.97 -36.37 -16.57
N GLY D 213 11.15 -36.39 -15.52
CA GLY D 213 10.07 -35.44 -15.30
C GLY D 213 8.87 -35.59 -16.22
N THR D 214 8.86 -36.62 -17.06
CA THR D 214 7.80 -36.84 -18.04
C THR D 214 6.45 -36.86 -17.36
N VAL D 215 5.51 -36.08 -17.88
CA VAL D 215 4.17 -36.00 -17.33
C VAL D 215 3.19 -36.58 -18.33
N VAL D 216 2.09 -37.12 -17.79
CA VAL D 216 1.04 -37.75 -18.58
C VAL D 216 -0.28 -37.27 -17.99
N LYS D 217 -1.37 -37.54 -18.70
CA LYS D 217 -2.69 -37.00 -18.34
C LYS D 217 -3.50 -38.03 -17.60
N VAL D 218 -4.29 -37.55 -16.64
CA VAL D 218 -5.15 -38.42 -15.85
C VAL D 218 -6.48 -37.72 -15.59
N MET E 1 -31.46 41.96 11.19
CA MET E 1 -31.58 41.62 9.77
C MET E 1 -30.53 40.59 9.35
N ASP E 2 -30.92 39.32 9.36
CA ASP E 2 -30.14 38.26 8.70
C ASP E 2 -31.09 37.16 8.27
N LEU E 3 -30.86 36.60 7.08
CA LEU E 3 -31.80 35.71 6.41
C LEU E 3 -31.11 34.42 5.96
N GLU E 4 -31.87 33.32 6.00
CA GLU E 4 -31.37 32.02 5.54
C GLU E 4 -31.34 31.98 4.02
N TYR E 5 -30.60 31.01 3.48
CA TYR E 5 -30.21 31.06 2.07
C TYR E 5 -29.87 29.64 1.62
N MET E 6 -30.34 29.27 0.42
CA MET E 6 -29.86 28.05 -0.23
C MET E 6 -29.87 28.16 -1.75
N HIS E 7 -28.72 27.93 -2.38
CA HIS E 7 -28.62 27.64 -3.80
C HIS E 7 -28.46 26.14 -4.04
N ILE E 8 -29.00 25.67 -5.15
CA ILE E 8 -28.62 24.39 -5.75
C ILE E 8 -28.41 24.62 -7.24
N SER E 9 -27.22 24.28 -7.73
CA SER E 9 -26.91 24.50 -9.14
C SER E 9 -26.56 23.17 -9.81
N TYR E 10 -26.69 23.15 -11.13
CA TYR E 10 -26.36 21.96 -11.93
C TYR E 10 -25.58 22.42 -13.15
N PRO E 11 -24.26 22.56 -13.02
CA PRO E 11 -23.49 23.28 -14.06
C PRO E 11 -23.59 22.70 -15.47
N ASN E 12 -23.39 21.39 -15.63
CA ASN E 12 -23.02 20.85 -16.93
C ASN E 12 -24.19 20.58 -17.87
N ILE E 13 -25.43 20.87 -17.49
CA ILE E 13 -26.56 20.65 -18.38
C ILE E 13 -27.14 22.00 -18.81
N LEU E 14 -27.75 22.01 -19.99
CA LEU E 14 -28.30 23.23 -20.57
C LEU E 14 -29.66 22.96 -21.21
N LEU E 15 -30.59 23.88 -21.01
CA LEU E 15 -31.92 23.78 -21.60
C LEU E 15 -32.55 25.16 -21.77
N TYR E 47 -50.73 32.51 -0.22
CA TYR E 47 -50.47 33.88 -0.68
C TYR E 47 -49.16 34.35 -0.07
N LYS E 48 -48.42 33.40 0.46
CA LYS E 48 -47.11 33.63 1.05
C LYS E 48 -46.06 33.82 -0.03
N TYR E 49 -45.02 34.57 0.31
CA TYR E 49 -43.90 34.74 -0.60
C TYR E 49 -43.18 33.42 -0.78
N PRO E 50 -43.09 32.88 -1.99
CA PRO E 50 -42.63 31.50 -2.19
C PRO E 50 -41.31 31.22 -1.48
N GLN E 51 -41.31 30.15 -0.69
CA GLN E 51 -40.11 29.73 0.02
C GLN E 51 -39.18 28.94 -0.88
N ILE E 52 -39.73 28.26 -1.89
CA ILE E 52 -38.98 27.38 -2.78
C ILE E 52 -39.28 27.80 -4.21
N GLN E 53 -38.23 28.18 -4.95
CA GLN E 53 -38.39 28.66 -6.32
C GLN E 53 -37.30 28.04 -7.17
N PHE E 54 -37.68 27.24 -8.16
CA PHE E 54 -36.72 26.63 -9.09
C PHE E 54 -36.80 27.39 -10.43
N LYS E 55 -35.72 28.11 -10.73
CA LYS E 55 -35.64 28.98 -11.89
C LYS E 55 -34.45 28.60 -12.74
N ILE E 56 -34.53 28.93 -14.04
CA ILE E 56 -33.44 28.67 -14.97
C ILE E 56 -32.67 29.98 -15.15
N ILE E 57 -31.37 29.95 -14.88
CA ILE E 57 -30.50 31.11 -15.05
C ILE E 57 -29.36 30.74 -15.97
N ASP E 58 -29.13 31.57 -16.99
CA ASP E 58 -28.09 31.33 -17.99
C ASP E 58 -28.20 29.92 -18.57
N ARG E 59 -29.43 29.48 -18.83
CA ARG E 59 -29.75 28.18 -19.41
C ARG E 59 -29.42 27.02 -18.48
N SER E 60 -28.95 27.27 -17.26
CA SER E 60 -28.82 26.17 -16.32
C SER E 60 -29.76 26.35 -15.13
N PRO E 61 -30.42 25.28 -14.70
CA PRO E 61 -31.41 25.39 -13.63
C PRO E 61 -30.78 25.61 -12.27
N LEU E 62 -31.50 26.35 -11.43
CA LEU E 62 -31.09 26.63 -10.07
C LEU E 62 -32.33 26.64 -9.19
N ILE E 63 -32.22 26.00 -8.03
CA ILE E 63 -33.30 25.90 -7.05
C ILE E 63 -32.93 26.76 -5.85
N ILE E 64 -33.83 27.64 -5.46
CA ILE E 64 -33.64 28.51 -4.30
C ILE E 64 -34.52 28.03 -3.15
N GLY E 65 -34.01 28.22 -1.94
CA GLY E 65 -34.80 28.02 -0.75
C GLY E 65 -34.40 29.05 0.29
N ILE E 66 -35.35 29.38 1.16
CA ILE E 66 -35.20 30.53 2.04
C ILE E 66 -35.95 30.26 3.32
N GLY E 67 -35.38 30.69 4.45
CA GLY E 67 -36.03 30.49 5.73
C GLY E 67 -36.00 29.04 6.16
N SER E 68 -36.19 28.79 7.46
CA SER E 68 -36.16 27.42 7.97
C SER E 68 -37.04 26.50 7.15
N LEU E 69 -38.27 26.96 6.83
CA LEU E 69 -39.21 26.16 6.07
C LEU E 69 -38.59 25.68 4.76
N GLY E 70 -38.11 26.61 3.94
CA GLY E 70 -37.56 26.25 2.66
C GLY E 70 -36.34 25.36 2.77
N ILE E 71 -35.46 25.67 3.71
CA ILE E 71 -34.28 24.85 3.95
C ILE E 71 -34.69 23.42 4.30
N ASN E 72 -35.53 23.28 5.33
CA ASN E 72 -35.97 21.97 5.79
C ASN E 72 -36.52 21.11 4.65
N PHE E 73 -37.53 21.63 3.94
CA PHE E 73 -38.11 20.87 2.83
C PHE E 73 -37.04 20.53 1.80
N LEU E 74 -36.27 21.53 1.37
CA LEU E 74 -35.36 21.43 0.22
C LEU E 74 -34.61 20.12 0.28
N GLU E 75 -34.15 19.76 1.48
CA GLU E 75 -33.37 18.55 1.65
C GLU E 75 -34.24 17.35 1.32
N SER E 76 -33.89 16.63 0.26
CA SER E 76 -34.77 15.69 -0.45
C SER E 76 -34.34 15.60 -1.91
N ILE E 94 -26.39 13.24 -15.08
CA ILE E 94 -26.67 14.15 -13.97
C ILE E 94 -25.55 13.95 -12.94
N THR E 95 -24.36 14.37 -13.32
CA THR E 95 -23.15 14.11 -12.55
C THR E 95 -22.68 15.26 -11.66
N GLU E 96 -23.39 16.38 -11.60
CA GLU E 96 -22.87 17.54 -10.89
C GLU E 96 -23.95 18.23 -10.06
N VAL E 97 -23.61 18.60 -8.83
CA VAL E 97 -24.41 19.48 -7.99
C VAL E 97 -23.49 20.33 -7.13
N ASN E 98 -23.75 21.64 -7.06
CA ASN E 98 -23.08 22.52 -6.12
C ASN E 98 -24.12 23.33 -5.34
N VAL E 99 -23.84 23.61 -4.06
CA VAL E 99 -24.73 24.38 -3.21
C VAL E 99 -23.93 25.32 -2.29
N HIS E 100 -24.09 26.64 -2.45
CA HIS E 100 -23.66 27.56 -1.41
C HIS E 100 -24.70 27.68 -0.30
N LYS E 101 -24.21 27.79 0.94
CA LYS E 101 -25.01 27.87 2.16
C LYS E 101 -24.51 29.01 3.03
N ASP E 102 -25.35 30.02 3.28
CA ASP E 102 -24.93 31.15 4.12
C ASP E 102 -26.16 31.96 4.54
N MET E 103 -25.89 33.04 5.27
CA MET E 103 -26.92 34.00 5.68
C MET E 103 -26.50 35.40 5.26
N ASP E 104 -27.32 36.05 4.43
CA ASP E 104 -27.01 37.36 3.87
C ASP E 104 -27.95 38.43 4.42
N HIS E 105 -27.40 39.62 4.65
CA HIS E 105 -28.15 40.78 5.13
C HIS E 105 -29.35 41.06 4.22
N PHE E 106 -30.49 41.37 4.85
CA PHE E 106 -31.74 41.65 4.16
C PHE E 106 -32.39 42.86 4.79
N GLY E 107 -33.06 43.66 3.96
CA GLY E 107 -33.76 44.86 4.40
C GLY E 107 -33.08 46.15 3.98
N THR E 108 -33.59 47.25 4.55
CA THR E 108 -33.21 48.59 4.14
C THR E 108 -31.71 48.82 4.32
N THR E 109 -31.15 49.71 3.50
CA THR E 109 -29.70 49.86 3.39
C THR E 109 -29.32 51.33 3.57
N ASP E 110 -28.12 51.52 4.12
CA ASP E 110 -27.57 52.87 4.29
C ASP E 110 -27.36 53.58 2.96
N LYS E 111 -26.91 52.89 1.93
CA LYS E 111 -26.71 53.46 0.61
C LYS E 111 -27.55 52.71 -0.42
N ILE E 112 -27.49 53.18 -1.66
CA ILE E 112 -28.34 52.71 -2.76
C ILE E 112 -27.60 51.62 -3.50
N LEU E 113 -28.31 50.54 -3.83
CA LEU E 113 -27.74 49.39 -4.52
C LEU E 113 -28.43 49.20 -5.86
N LYS E 114 -27.67 48.70 -6.83
CA LYS E 114 -28.15 48.48 -8.20
C LYS E 114 -28.33 46.99 -8.47
N TYR E 115 -29.50 46.62 -8.97
CA TYR E 115 -29.80 45.24 -9.33
C TYR E 115 -30.25 45.19 -10.78
N GLN E 116 -30.24 43.98 -11.36
CA GLN E 116 -30.85 43.77 -12.67
C GLN E 116 -31.60 42.45 -12.68
N PHE E 117 -32.59 42.37 -13.58
CA PHE E 117 -33.44 41.19 -13.67
C PHE E 117 -32.78 40.16 -14.60
N LYS E 118 -32.56 38.95 -14.08
CA LYS E 118 -32.12 37.85 -14.94
C LYS E 118 -33.27 37.21 -15.71
N THR E 119 -34.48 37.26 -15.16
CA THR E 119 -35.69 36.80 -15.84
C THR E 119 -36.74 37.90 -15.90
N PRO E 120 -37.78 37.76 -16.73
CA PRO E 120 -38.79 38.82 -16.85
C PRO E 120 -39.45 39.15 -15.52
N TRP E 121 -39.62 40.46 -15.30
CA TRP E 121 -40.14 41.00 -14.04
C TRP E 121 -41.60 40.64 -13.75
N MET E 122 -42.47 40.66 -14.75
CA MET E 122 -43.92 40.49 -14.53
C MET E 122 -44.33 41.64 -13.63
N ALA E 123 -45.01 41.39 -12.51
CA ALA E 123 -45.45 42.33 -11.47
C ALA E 123 -46.76 43.01 -11.83
N LEU E 124 -47.34 42.71 -12.99
CA LEU E 124 -48.62 43.29 -13.41
C LEU E 124 -49.67 42.20 -13.59
N ASN E 125 -50.73 42.27 -12.79
CA ASN E 125 -51.86 41.36 -12.90
C ASN E 125 -52.71 41.72 -14.12
N ALA E 126 -53.92 41.14 -14.18
CA ALA E 126 -54.88 41.53 -15.20
C ALA E 126 -55.40 42.95 -14.94
N LYS E 127 -55.63 43.29 -13.67
CA LYS E 127 -56.18 44.61 -13.33
C LYS E 127 -55.27 45.72 -13.83
N ASN E 128 -54.00 45.70 -13.42
CA ASN E 128 -53.07 46.74 -13.84
C ASN E 128 -52.79 46.67 -15.33
N SER E 129 -52.94 45.49 -15.95
CA SER E 129 -52.65 45.32 -17.37
C SER E 129 -53.27 46.44 -18.20
N GLU E 130 -54.46 46.88 -17.81
CA GLU E 130 -55.14 47.97 -18.51
C GLU E 130 -54.55 49.33 -18.15
N ILE E 131 -54.39 49.59 -16.84
CA ILE E 131 -53.82 50.86 -16.38
C ILE E 131 -52.50 51.15 -17.07
N TYR E 132 -51.56 50.21 -16.97
CA TYR E 132 -50.36 50.24 -17.81
C TYR E 132 -50.72 50.53 -19.26
N LYS E 133 -51.47 49.60 -19.89
CA LYS E 133 -51.63 49.52 -21.34
C LYS E 133 -51.84 50.88 -22.00
N ASN E 134 -52.71 51.71 -21.43
CA ASN E 134 -52.88 53.09 -21.92
C ASN E 134 -52.43 54.06 -20.84
N SER E 135 -51.20 54.55 -20.98
CA SER E 135 -50.68 55.72 -20.29
C SER E 135 -49.50 56.21 -21.10
N ASP E 136 -49.30 57.53 -21.13
CA ASP E 136 -48.08 58.02 -21.77
C ASP E 136 -46.87 57.43 -21.04
N GLU E 137 -45.81 57.19 -21.81
CA GLU E 137 -44.67 56.41 -21.32
C GLU E 137 -44.19 56.86 -19.95
N ILE E 138 -44.25 58.16 -19.65
CA ILE E 138 -43.79 58.68 -18.36
C ILE E 138 -44.64 58.12 -17.22
N ASP E 139 -45.94 57.96 -17.44
CA ASP E 139 -46.80 57.44 -16.38
C ASP E 139 -46.58 55.95 -16.15
N ARG E 140 -46.22 55.22 -17.21
CA ARG E 140 -45.83 53.82 -17.04
C ARG E 140 -44.66 53.71 -16.08
N GLU E 141 -43.60 54.51 -16.29
CA GLU E 141 -42.50 54.53 -15.34
C GLU E 141 -42.99 54.77 -13.92
N GLU E 142 -43.72 55.88 -13.70
CA GLU E 142 -44.14 56.23 -12.36
C GLU E 142 -45.13 55.21 -11.80
N PHE E 143 -45.62 54.30 -12.64
CA PHE E 143 -46.44 53.18 -12.19
C PHE E 143 -45.52 52.07 -11.67
N LEU E 144 -44.72 51.49 -12.57
CA LEU E 144 -43.81 50.41 -12.22
C LEU E 144 -43.02 50.70 -10.94
N LYS E 145 -42.60 51.95 -10.75
CA LYS E 145 -41.87 52.29 -9.54
C LYS E 145 -42.69 51.94 -8.30
N ARG E 146 -43.96 52.35 -8.27
CA ARG E 146 -44.81 52.04 -7.13
C ARG E 146 -45.06 50.54 -7.05
N VAL E 147 -45.46 49.94 -8.17
CA VAL E 147 -45.64 48.49 -8.25
C VAL E 147 -44.42 47.76 -7.69
N LEU E 148 -43.22 48.18 -8.08
CA LEU E 148 -42.01 47.48 -7.65
C LEU E 148 -41.86 47.55 -6.13
N ILE E 149 -41.94 48.75 -5.55
CA ILE E 149 -41.86 48.87 -4.10
C ILE E 149 -42.98 48.05 -3.46
N GLY E 150 -44.08 47.83 -4.18
CA GLY E 150 -45.13 46.98 -3.66
C GLY E 150 -44.68 45.53 -3.58
N ASN E 151 -43.97 45.06 -4.61
CA ASN E 151 -43.36 43.74 -4.56
C ASN E 151 -42.40 43.62 -3.38
N ILE E 152 -41.56 44.62 -3.17
CA ILE E 152 -40.59 44.59 -2.08
C ILE E 152 -41.32 44.50 -0.74
N LEU E 153 -42.33 45.36 -0.54
CA LEU E 153 -43.16 45.26 0.65
C LEU E 153 -43.77 43.86 0.78
N SER E 154 -44.37 43.37 -0.31
CA SER E 154 -44.98 42.04 -0.35
C SER E 154 -44.03 41.01 0.26
N MET E 155 -42.90 40.80 -0.41
CA MET E 155 -41.90 39.86 0.05
C MET E 155 -41.51 40.12 1.51
N SER E 156 -41.19 41.36 1.84
CA SER E 156 -40.77 41.69 3.20
C SER E 156 -41.81 41.29 4.24
N LYS E 157 -43.10 41.38 3.92
CA LYS E 157 -44.16 40.94 4.83
C LYS E 157 -44.06 39.46 5.17
N SER E 158 -44.28 38.60 4.17
CA SER E 158 -44.29 37.16 4.39
C SER E 158 -43.08 36.66 5.18
N LEU E 159 -41.96 37.36 5.11
CA LEU E 159 -40.73 36.94 5.77
C LEU E 159 -40.55 37.60 7.14
N GLY E 160 -41.54 38.34 7.60
CA GLY E 160 -41.57 38.79 8.98
C GLY E 160 -40.73 40.00 9.29
N TYR E 161 -40.20 40.69 8.29
CA TYR E 161 -39.39 41.88 8.49
C TYR E 161 -40.24 43.13 8.29
N THR E 162 -40.03 44.12 9.15
CA THR E 162 -40.70 45.42 9.05
C THR E 162 -39.66 46.48 8.73
N ILE E 163 -39.88 47.23 7.66
CA ILE E 163 -38.96 48.28 7.21
C ILE E 163 -39.44 49.62 7.75
N GLU E 164 -38.60 50.27 8.55
CA GLU E 164 -38.98 51.50 9.24
C GLU E 164 -38.70 52.77 8.43
N GLU E 165 -38.30 52.65 7.16
CA GLU E 165 -38.02 53.84 6.38
C GLU E 165 -38.46 53.69 4.93
N LYS E 166 -38.70 54.84 4.30
CA LYS E 166 -39.25 54.87 2.94
C LYS E 166 -38.23 54.35 1.93
N LEU E 167 -38.73 53.64 0.93
CA LEU E 167 -37.90 53.09 -0.14
C LEU E 167 -38.03 53.95 -1.40
N LYS E 168 -36.89 54.26 -2.00
CA LYS E 168 -36.82 55.03 -3.24
C LYS E 168 -36.38 54.09 -4.36
N VAL E 169 -36.81 54.38 -5.59
CA VAL E 169 -36.39 53.57 -6.72
C VAL E 169 -35.95 54.42 -7.90
N LYS E 170 -35.19 53.79 -8.79
CA LYS E 170 -34.89 54.28 -10.12
C LYS E 170 -35.07 53.11 -11.07
N ILE E 171 -35.99 53.23 -12.02
CA ILE E 171 -36.30 52.15 -12.94
C ILE E 171 -35.67 52.43 -14.30
N ASN E 172 -35.00 51.43 -14.85
CA ASN E 172 -34.56 51.41 -16.24
C ASN E 172 -34.95 50.04 -16.80
N LEU E 173 -36.02 50.00 -17.60
CA LEU E 173 -36.54 48.72 -18.06
C LEU E 173 -37.16 48.87 -19.45
N LYS E 174 -37.38 47.73 -20.09
CA LYS E 174 -38.05 47.67 -21.38
C LYS E 174 -39.05 46.51 -21.40
N GLU E 175 -40.00 46.60 -22.34
CA GLU E 175 -40.96 45.52 -22.54
C GLU E 175 -40.32 44.33 -23.23
N VAL E 176 -40.82 43.14 -22.91
CA VAL E 176 -40.45 41.94 -23.65
C VAL E 176 -41.60 40.94 -23.67
N PRO E 177 -41.79 40.20 -24.76
CA PRO E 177 -42.87 39.20 -24.79
C PRO E 177 -42.54 37.98 -23.95
N VAL E 178 -43.53 37.49 -23.22
CA VAL E 178 -43.40 36.26 -22.44
C VAL E 178 -44.78 35.59 -22.39
N LYS E 179 -44.79 34.26 -22.37
CA LYS E 179 -46.02 33.48 -22.34
C LYS E 179 -46.12 32.67 -21.06
N PHE E 180 -47.26 32.80 -20.38
CA PHE E 180 -47.61 32.02 -19.21
C PHE E 180 -49.04 31.55 -19.41
N LYS E 181 -49.36 30.36 -18.88
CA LYS E 181 -50.71 29.80 -19.00
C LYS E 181 -51.24 29.97 -20.43
N ASN E 182 -50.36 29.80 -21.42
CA ASN E 182 -50.71 29.95 -22.84
C ASN E 182 -51.50 31.23 -23.11
N GLN E 183 -51.15 32.29 -22.37
CA GLN E 183 -51.68 33.62 -22.61
C GLN E 183 -50.55 34.64 -22.44
N ASN E 184 -50.45 35.59 -23.36
CA ASN E 184 -49.25 36.40 -23.49
C ASN E 184 -49.38 37.64 -22.61
N MET E 185 -48.64 37.65 -21.50
CA MET E 185 -48.57 38.79 -20.60
C MET E 185 -47.25 39.53 -20.84
N VAL E 186 -47.32 40.86 -20.84
CA VAL E 186 -46.11 41.66 -20.97
C VAL E 186 -45.23 41.49 -19.74
N GLY E 187 -43.92 41.59 -19.94
CA GLY E 187 -42.99 41.59 -18.82
C GLY E 187 -41.78 42.44 -19.15
N PHE E 188 -41.12 42.91 -18.10
CA PHE E 188 -40.00 43.83 -18.23
C PHE E 188 -38.67 43.19 -17.87
N ARG E 189 -37.63 43.57 -18.61
CA ARG E 189 -36.24 43.30 -18.27
C ARG E 189 -35.53 44.64 -18.10
N GLY E 190 -34.42 44.63 -17.37
CA GLY E 190 -33.71 45.87 -17.14
C GLY E 190 -33.00 45.86 -15.80
N GLU E 191 -32.56 47.05 -15.39
CA GLU E 191 -31.88 47.28 -14.14
C GLU E 191 -32.63 48.33 -13.32
N PHE E 192 -32.38 48.32 -12.01
CA PHE E 192 -33.02 49.30 -11.14
C PHE E 192 -32.20 49.48 -9.87
N TYR E 193 -32.27 50.69 -9.30
CA TYR E 193 -31.59 51.02 -8.06
C TYR E 193 -32.63 51.18 -6.96
N ILE E 194 -32.30 50.71 -5.76
CA ILE E 194 -33.15 50.91 -4.59
C ILE E 194 -32.25 50.91 -3.36
N ASN E 195 -32.73 51.55 -2.29
CA ASN E 195 -32.02 51.60 -1.01
C ASN E 195 -32.35 50.42 -0.11
N PHE E 196 -33.00 49.40 -0.66
CA PHE E 196 -33.23 48.12 -0.01
C PHE E 196 -32.11 47.14 -0.38
N ASP E 197 -32.14 45.97 0.25
CA ASP E 197 -31.08 44.97 0.08
C ASP E 197 -31.78 43.64 -0.15
N ILE E 198 -31.63 43.10 -1.35
CA ILE E 198 -32.22 41.83 -1.74
C ILE E 198 -31.11 40.79 -1.85
N PRO E 199 -31.27 39.61 -1.25
CA PRO E 199 -30.32 38.51 -1.51
C PRO E 199 -30.30 38.13 -2.97
N GLN E 200 -29.20 37.53 -3.40
CA GLN E 200 -29.05 37.17 -4.80
C GLN E 200 -30.04 36.07 -5.20
N TYR E 201 -30.58 36.19 -6.41
CA TYR E 201 -31.31 35.16 -7.16
C TYR E 201 -32.77 34.93 -6.76
N LEU E 202 -33.32 35.62 -5.77
CA LEU E 202 -34.71 35.34 -5.43
C LEU E 202 -35.61 36.43 -6.03
N GLY E 203 -36.90 36.36 -5.71
CA GLY E 203 -37.88 37.34 -6.15
C GLY E 203 -38.12 37.30 -7.64
N ILE E 204 -38.95 38.19 -8.19
CA ILE E 204 -39.74 39.20 -7.48
C ILE E 204 -40.96 39.49 -8.33
N GLY E 205 -41.97 40.13 -7.74
CA GLY E 205 -43.21 40.38 -8.43
C GLY E 205 -44.12 39.16 -8.49
N ARG E 206 -45.02 39.17 -9.47
CA ARG E 206 -45.94 38.08 -9.69
C ARG E 206 -45.29 36.94 -10.45
N ASN E 207 -45.74 35.72 -10.18
CA ASN E 207 -45.26 34.48 -10.83
C ASN E 207 -43.83 34.13 -10.40
N VAL E 208 -43.52 34.39 -9.13
CA VAL E 208 -42.16 34.25 -8.63
C VAL E 208 -41.70 32.79 -8.69
N SER E 209 -42.56 31.87 -8.25
CA SER E 209 -42.23 30.45 -8.18
C SER E 209 -41.53 29.93 -9.44
N ARG E 210 -42.23 29.96 -10.58
CA ARG E 210 -41.66 29.39 -11.81
C ARG E 210 -40.39 30.11 -12.25
N GLY E 211 -39.98 31.15 -11.54
CA GLY E 211 -38.69 31.78 -11.76
C GLY E 211 -38.70 33.17 -12.36
N PHE E 212 -39.85 33.84 -12.42
CA PHE E 212 -39.92 35.17 -12.99
C PHE E 212 -39.58 36.23 -11.95
N GLY E 213 -38.88 37.26 -12.38
CA GLY E 213 -38.54 38.37 -11.51
C GLY E 213 -37.22 38.22 -10.81
N THR E 214 -36.43 37.19 -11.14
CA THR E 214 -35.16 36.92 -10.49
C THR E 214 -34.23 38.13 -10.53
N VAL E 215 -33.80 38.58 -9.36
CA VAL E 215 -33.00 39.80 -9.24
C VAL E 215 -31.60 39.42 -8.76
N VAL E 216 -30.61 39.83 -9.53
CA VAL E 216 -29.20 39.63 -9.19
C VAL E 216 -28.60 40.99 -8.88
N LYS E 217 -27.58 40.98 -8.01
CA LYS E 217 -26.90 42.23 -7.71
C LYS E 217 -25.92 42.58 -8.82
N VAL E 218 -25.76 43.88 -9.04
CA VAL E 218 -24.74 44.45 -9.92
C VAL E 218 -24.45 45.87 -9.45
N MET F 1 17.18 -69.39 -47.78
CA MET F 1 15.98 -69.85 -47.12
C MET F 1 15.71 -68.94 -45.91
N ASP F 2 15.98 -67.66 -46.08
CA ASP F 2 15.51 -66.63 -45.17
C ASP F 2 15.35 -65.31 -45.91
N LEU F 3 14.28 -64.57 -45.63
CA LEU F 3 13.97 -63.41 -46.46
C LEU F 3 13.74 -62.20 -45.57
N GLU F 4 14.20 -61.03 -46.02
CA GLU F 4 13.94 -59.81 -45.26
C GLU F 4 12.54 -59.31 -45.52
N TYR F 5 12.03 -58.46 -44.63
CA TYR F 5 10.59 -58.18 -44.68
C TYR F 5 10.40 -56.86 -43.93
N MET F 6 9.56 -55.99 -44.49
CA MET F 6 9.08 -54.80 -43.79
C MET F 6 7.66 -54.59 -44.26
N HIS F 7 6.76 -54.53 -43.28
CA HIS F 7 5.39 -54.08 -43.42
C HIS F 7 5.24 -52.63 -42.96
N ILE F 8 4.31 -51.90 -43.58
CA ILE F 8 3.80 -50.66 -43.00
C ILE F 8 2.28 -50.67 -43.05
N SER F 9 1.66 -50.46 -41.88
CA SER F 9 0.22 -50.49 -41.67
C SER F 9 -0.20 -49.12 -41.15
N TYR F 10 -1.49 -48.79 -41.30
CA TYR F 10 -1.97 -47.50 -40.82
C TYR F 10 -3.29 -47.59 -40.07
N PRO F 11 -3.26 -47.88 -38.76
CA PRO F 11 -4.50 -48.22 -38.05
C PRO F 11 -5.47 -47.06 -38.15
N ASN F 12 -6.72 -47.29 -37.72
CA ASN F 12 -7.70 -46.22 -37.60
C ASN F 12 -8.16 -45.65 -38.94
N ILE F 13 -7.72 -46.19 -40.07
CA ILE F 13 -8.14 -45.66 -41.37
C ILE F 13 -9.07 -46.67 -42.05
N LEU F 14 -9.96 -46.13 -42.89
CA LEU F 14 -11.00 -46.84 -43.61
C LEU F 14 -11.13 -46.34 -45.04
N LEU F 15 -11.31 -47.26 -45.97
CA LEU F 15 -11.49 -46.94 -47.38
C LEU F 15 -12.30 -48.04 -48.04
N LYS F 48 8.69 -59.90 -63.28
CA LYS F 48 9.34 -60.23 -62.02
C LYS F 48 8.32 -60.12 -60.88
N TYR F 49 8.51 -60.91 -59.82
CA TYR F 49 7.64 -60.83 -58.65
C TYR F 49 7.73 -59.54 -57.87
N PRO F 50 6.64 -58.78 -57.76
CA PRO F 50 6.73 -57.43 -57.18
C PRO F 50 7.39 -57.42 -55.82
N GLN F 51 8.42 -56.59 -55.67
CA GLN F 51 9.12 -56.41 -54.41
C GLN F 51 8.38 -55.45 -53.49
N ILE F 52 7.56 -54.57 -54.07
CA ILE F 52 6.86 -53.52 -53.36
C ILE F 52 5.38 -53.75 -53.70
N GLN F 53 4.58 -53.96 -52.66
CA GLN F 53 3.17 -54.32 -52.79
C GLN F 53 2.29 -53.52 -51.82
N PHE F 54 1.37 -52.72 -52.36
CA PHE F 54 0.42 -51.98 -51.53
C PHE F 54 -0.95 -52.63 -51.54
N LYS F 55 -1.33 -53.21 -50.39
CA LYS F 55 -2.57 -53.95 -50.27
C LYS F 55 -3.42 -53.43 -49.11
N ILE F 56 -4.73 -53.62 -49.22
CA ILE F 56 -5.69 -53.25 -48.19
C ILE F 56 -6.08 -54.50 -47.41
N ILE F 57 -5.93 -54.45 -46.08
CA ILE F 57 -6.33 -55.57 -45.22
C ILE F 57 -7.31 -55.03 -44.20
N ASP F 58 -8.45 -55.72 -44.07
CA ASP F 58 -9.52 -55.32 -43.14
C ASP F 58 -9.89 -53.85 -43.34
N ARG F 59 -9.97 -53.40 -44.59
CA ARG F 59 -10.34 -52.04 -44.95
C ARG F 59 -9.31 -51.00 -44.52
N SER F 60 -8.16 -51.43 -43.95
CA SER F 60 -7.06 -50.53 -43.63
C SER F 60 -5.83 -50.83 -44.49
N PRO F 61 -5.17 -49.78 -44.97
CA PRO F 61 -4.05 -49.95 -45.91
C PRO F 61 -2.80 -50.52 -45.27
N LEU F 62 -2.07 -51.29 -46.06
CA LEU F 62 -0.80 -51.87 -45.65
C LEU F 62 0.15 -51.88 -46.85
N ILE F 63 1.40 -51.48 -46.59
CA ILE F 63 2.47 -51.43 -47.59
C ILE F 63 3.47 -52.53 -47.29
N ILE F 64 3.79 -53.33 -48.30
CA ILE F 64 4.77 -54.41 -48.17
C ILE F 64 6.07 -54.01 -48.86
N GLY F 65 7.16 -54.49 -48.30
CA GLY F 65 8.46 -54.40 -48.95
C GLY F 65 9.25 -55.65 -48.63
N ILE F 66 10.17 -56.00 -49.53
CA ILE F 66 10.78 -57.33 -49.48
C ILE F 66 12.20 -57.23 -50.02
N GLY F 67 13.13 -57.95 -49.37
CA GLY F 67 14.49 -57.93 -49.85
C GLY F 67 15.17 -56.61 -49.59
N SER F 68 16.51 -56.57 -49.60
CA SER F 68 17.20 -55.30 -49.37
C SER F 68 16.61 -54.23 -50.28
N LEU F 69 16.41 -54.57 -51.55
CA LEU F 69 15.87 -53.64 -52.53
C LEU F 69 14.53 -53.04 -52.08
N GLY F 70 13.55 -53.91 -51.81
CA GLY F 70 12.22 -53.43 -51.44
C GLY F 70 12.18 -52.64 -50.14
N ILE F 71 12.90 -53.11 -49.12
CA ILE F 71 12.97 -52.40 -47.84
C ILE F 71 13.53 -51.01 -48.06
N ASN F 72 14.70 -50.95 -48.73
CA ASN F 72 15.39 -49.70 -48.99
C ASN F 72 14.46 -48.65 -49.57
N PHE F 73 13.74 -48.98 -50.65
CA PHE F 73 12.84 -47.96 -51.19
C PHE F 73 11.89 -47.52 -50.08
N LEU F 74 11.20 -48.47 -49.43
CA LEU F 74 10.17 -48.09 -48.45
C LEU F 74 10.70 -47.04 -47.48
N GLU F 75 11.95 -47.24 -47.02
CA GLU F 75 12.54 -46.33 -46.06
C GLU F 75 12.75 -44.98 -46.69
N SER F 76 13.06 -44.96 -47.99
CA SER F 76 13.62 -43.78 -48.62
C SER F 76 12.50 -42.89 -49.11
N LYS F 77 11.35 -43.50 -49.40
CA LYS F 77 10.09 -42.78 -49.38
C LYS F 77 9.72 -42.50 -47.93
N ARG F 78 8.79 -41.58 -47.72
CA ARG F 78 8.43 -41.20 -46.36
C ARG F 78 6.92 -41.25 -46.17
N ILE F 79 6.51 -41.47 -44.92
CA ILE F 79 5.10 -41.58 -44.57
C ILE F 79 4.53 -40.22 -44.18
N PHE F 80 3.36 -40.24 -43.56
CA PHE F 80 2.63 -39.06 -43.11
C PHE F 80 2.36 -38.18 -44.33
N PHE F 81 2.56 -36.86 -44.23
CA PHE F 81 2.38 -35.86 -45.29
C PHE F 81 0.97 -35.30 -45.19
N ILE F 94 -1.53 -38.63 -40.66
CA ILE F 94 -2.65 -39.46 -40.24
C ILE F 94 -2.35 -40.32 -39.01
N THR F 95 -2.21 -39.62 -37.88
CA THR F 95 -1.76 -40.14 -36.60
C THR F 95 -0.97 -41.45 -36.64
N GLU F 96 -1.63 -42.54 -36.24
CA GLU F 96 -1.00 -43.84 -36.05
C GLU F 96 -0.39 -44.42 -37.32
N VAL F 97 0.80 -44.99 -37.16
CA VAL F 97 1.49 -45.83 -38.15
C VAL F 97 2.24 -46.90 -37.37
N ASN F 98 2.15 -48.16 -37.81
CA ASN F 98 2.97 -49.21 -37.23
C ASN F 98 3.70 -50.01 -38.32
N VAL F 99 4.90 -50.47 -37.99
CA VAL F 99 5.70 -51.29 -38.90
C VAL F 99 6.46 -52.37 -38.13
N HIS F 100 6.12 -53.66 -38.35
CA HIS F 100 7.06 -54.71 -37.95
C HIS F 100 8.10 -54.95 -39.04
N LYS F 101 9.35 -55.17 -38.62
CA LYS F 101 10.50 -55.40 -39.51
C LYS F 101 11.32 -56.58 -39.00
N ASP F 102 11.45 -57.67 -39.78
CA ASP F 102 12.22 -58.84 -39.34
C ASP F 102 12.51 -59.77 -40.52
N MET F 103 13.16 -60.91 -40.25
CA MET F 103 13.39 -61.92 -41.29
C MET F 103 12.89 -63.32 -40.90
N ASP F 104 11.93 -63.82 -41.68
CA ASP F 104 11.23 -65.09 -41.48
C ASP F 104 11.59 -66.08 -42.58
N HIS F 105 11.68 -67.36 -42.21
CA HIS F 105 11.98 -68.44 -43.14
C HIS F 105 11.07 -68.45 -44.36
N PHE F 106 11.67 -68.70 -45.53
CA PHE F 106 10.94 -68.73 -46.79
C PHE F 106 11.41 -69.93 -47.60
N GLY F 107 10.50 -70.53 -48.33
CA GLY F 107 10.79 -71.68 -49.17
C GLY F 107 10.22 -72.97 -48.62
N THR F 108 10.60 -74.07 -49.27
CA THR F 108 10.00 -75.36 -48.96
C THR F 108 10.22 -75.74 -47.51
N THR F 109 9.27 -76.48 -46.95
CA THR F 109 9.20 -76.78 -45.53
C THR F 109 9.04 -78.28 -45.37
N ASP F 110 9.57 -78.79 -44.25
CA ASP F 110 9.44 -80.20 -43.90
C ASP F 110 7.99 -80.64 -43.72
N LYS F 111 7.15 -79.79 -43.14
CA LYS F 111 5.75 -80.13 -42.93
C LYS F 111 4.79 -79.18 -43.64
N ILE F 112 3.49 -79.49 -43.54
CA ILE F 112 2.44 -78.81 -44.28
C ILE F 112 1.80 -77.70 -43.47
N LEU F 113 1.61 -76.55 -44.11
CA LEU F 113 1.02 -75.38 -43.49
C LEU F 113 -0.25 -75.00 -44.25
N LYS F 114 -1.24 -74.47 -43.54
CA LYS F 114 -2.53 -74.08 -44.12
C LYS F 114 -2.59 -72.57 -44.17
N TYR F 115 -2.93 -72.02 -45.34
CA TYR F 115 -3.04 -70.57 -45.49
C TYR F 115 -4.44 -70.20 -45.97
N GLN F 116 -4.76 -68.91 -45.87
CA GLN F 116 -5.98 -68.38 -46.45
C GLN F 116 -5.73 -67.05 -47.15
N PHE F 117 -6.59 -66.75 -48.12
CA PHE F 117 -6.50 -65.54 -48.93
C PHE F 117 -7.21 -64.40 -48.22
N LYS F 118 -6.50 -63.29 -47.98
CA LYS F 118 -7.18 -62.12 -47.47
C LYS F 118 -7.86 -61.32 -48.58
N THR F 119 -7.34 -61.37 -49.81
CA THR F 119 -7.95 -60.77 -50.98
C THR F 119 -8.12 -61.79 -52.10
N PRO F 120 -8.93 -61.47 -53.13
CA PRO F 120 -9.15 -62.43 -54.22
C PRO F 120 -7.84 -62.80 -54.91
N TRP F 121 -7.68 -64.08 -55.21
CA TRP F 121 -6.42 -64.56 -55.77
C TRP F 121 -6.14 -64.06 -57.20
N MET F 122 -7.14 -64.06 -58.09
CA MET F 122 -6.93 -63.70 -59.50
C MET F 122 -5.86 -64.59 -60.14
N ALA F 123 -6.13 -65.89 -60.13
CA ALA F 123 -5.24 -66.88 -60.73
C ALA F 123 -5.49 -67.17 -62.21
N LEU F 124 -6.45 -66.53 -62.86
CA LEU F 124 -6.66 -66.81 -64.27
C LEU F 124 -6.42 -65.57 -65.14
N ASN F 125 -5.45 -65.66 -66.03
CA ASN F 125 -5.19 -64.61 -67.00
C ASN F 125 -6.30 -64.71 -68.04
N ALA F 126 -6.15 -64.03 -69.18
CA ALA F 126 -7.11 -64.25 -70.25
C ALA F 126 -7.03 -65.64 -70.89
N LYS F 127 -5.80 -66.14 -71.10
CA LYS F 127 -5.63 -67.44 -71.78
C LYS F 127 -6.33 -68.57 -71.02
N ASN F 128 -5.95 -68.73 -69.75
CA ASN F 128 -6.49 -69.77 -68.86
C ASN F 128 -7.94 -69.52 -68.53
N SER F 129 -8.38 -68.25 -68.58
CA SER F 129 -9.75 -67.90 -68.24
C SER F 129 -10.72 -68.81 -68.98
N GLU F 130 -10.37 -69.15 -70.22
CA GLU F 130 -11.19 -70.03 -71.04
C GLU F 130 -11.08 -71.47 -70.58
N ILE F 131 -9.85 -71.96 -70.40
CA ILE F 131 -9.65 -73.34 -69.95
C ILE F 131 -10.48 -73.62 -68.71
N TYR F 132 -10.31 -72.81 -67.66
CA TYR F 132 -11.24 -72.82 -66.53
C TYR F 132 -12.68 -72.80 -67.03
N LYS F 133 -13.08 -71.70 -67.70
CA LYS F 133 -14.48 -71.38 -67.97
C LYS F 133 -15.23 -72.62 -68.44
N ASN F 134 -14.60 -73.41 -69.33
CA ASN F 134 -15.22 -74.68 -69.70
C ASN F 134 -14.33 -75.80 -69.19
N SER F 135 -14.69 -76.32 -68.02
CA SER F 135 -14.24 -77.60 -67.52
C SER F 135 -15.23 -78.02 -66.44
N ASP F 136 -15.51 -79.31 -66.33
CA ASP F 136 -16.32 -79.77 -65.21
C ASP F 136 -15.59 -79.45 -63.92
N GLU F 137 -16.35 -79.18 -62.86
CA GLU F 137 -15.78 -78.62 -61.62
C GLU F 137 -14.53 -79.37 -61.17
N ILE F 138 -14.48 -80.69 -61.39
CA ILE F 138 -13.31 -81.46 -60.96
C ILE F 138 -12.05 -81.00 -61.70
N ASP F 139 -12.18 -80.65 -62.98
CA ASP F 139 -11.02 -80.21 -63.74
C ASP F 139 -10.60 -78.81 -63.33
N ARG F 140 -11.57 -77.98 -62.92
CA ARG F 140 -11.25 -76.67 -62.36
C ARG F 140 -10.33 -76.78 -61.15
N GLU F 141 -10.67 -77.67 -60.20
CA GLU F 141 -9.77 -77.88 -59.06
C GLU F 141 -8.35 -78.20 -59.53
N GLU F 142 -8.18 -79.26 -60.31
CA GLU F 142 -6.84 -79.69 -60.69
C GLU F 142 -6.17 -78.66 -61.60
N PHE F 143 -6.93 -77.65 -62.05
CA PHE F 143 -6.37 -76.52 -62.78
C PHE F 143 -5.78 -75.55 -61.77
N LEU F 144 -6.65 -74.98 -60.93
CA LEU F 144 -6.21 -74.03 -59.92
C LEU F 144 -4.98 -74.55 -59.20
N LYS F 145 -4.95 -75.86 -58.94
CA LYS F 145 -3.79 -76.48 -58.29
C LYS F 145 -2.51 -76.20 -59.06
N ARG F 146 -2.54 -76.43 -60.39
CA ARG F 146 -1.35 -76.21 -61.19
C ARG F 146 -0.98 -74.74 -61.19
N VAL F 147 -1.96 -73.88 -61.48
CA VAL F 147 -1.77 -72.44 -61.42
C VAL F 147 -1.12 -72.07 -60.09
N LEU F 148 -1.65 -72.64 -59.00
CA LEU F 148 -1.15 -72.31 -57.68
C LEU F 148 0.32 -72.73 -57.53
N ILE F 149 0.62 -74.00 -57.84
CA ILE F 149 2.02 -74.40 -57.77
C ILE F 149 2.85 -73.56 -58.72
N GLY F 150 2.23 -73.05 -59.80
CA GLY F 150 2.94 -72.17 -60.70
C GLY F 150 3.28 -70.82 -60.08
N ASN F 151 2.33 -70.26 -59.33
CA ASN F 151 2.58 -69.04 -58.57
C ASN F 151 3.73 -69.20 -57.58
N ILE F 152 3.75 -70.30 -56.83
CA ILE F 152 4.81 -70.47 -55.83
C ILE F 152 6.19 -70.52 -56.50
N LEU F 153 6.37 -71.34 -57.54
CA LEU F 153 7.63 -71.30 -58.28
C LEU F 153 7.93 -69.90 -58.83
N SER F 154 6.95 -69.28 -59.48
CA SER F 154 7.10 -67.94 -60.04
C SER F 154 7.75 -67.03 -59.02
N MET F 155 7.05 -66.78 -57.92
CA MET F 155 7.59 -65.95 -56.85
C MET F 155 8.98 -66.43 -56.44
N SER F 156 9.13 -67.73 -56.18
CA SER F 156 10.42 -68.26 -55.75
C SER F 156 11.53 -67.96 -56.77
N LYS F 157 11.21 -67.95 -58.06
CA LYS F 157 12.19 -67.59 -59.08
C LYS F 157 12.72 -66.18 -58.90
N SER F 158 11.85 -65.20 -59.10
CA SER F 158 12.22 -63.78 -59.03
C SER F 158 13.00 -63.45 -57.77
N LEU F 159 12.79 -64.21 -56.70
CA LEU F 159 13.39 -63.97 -55.40
C LEU F 159 14.67 -64.77 -55.18
N GLY F 160 15.17 -65.46 -56.19
CA GLY F 160 16.50 -66.02 -56.11
C GLY F 160 16.60 -67.33 -55.37
N TYR F 161 15.46 -67.95 -55.05
CA TYR F 161 15.38 -69.20 -54.33
C TYR F 161 15.17 -70.36 -55.31
N THR F 162 15.85 -71.48 -55.06
CA THR F 162 15.66 -72.68 -55.87
C THR F 162 14.99 -73.73 -54.99
N ILE F 163 13.85 -74.23 -55.44
CA ILE F 163 13.06 -75.21 -54.72
C ILE F 163 13.38 -76.63 -55.23
N GLU F 164 13.87 -77.47 -54.32
CA GLU F 164 14.32 -78.81 -54.67
C GLU F 164 13.20 -79.85 -54.55
N GLU F 165 12.53 -79.88 -53.40
CA GLU F 165 11.46 -80.84 -53.16
C GLU F 165 10.17 -80.51 -53.90
N LYS F 166 9.37 -81.56 -54.13
CA LYS F 166 8.14 -81.45 -54.88
C LYS F 166 7.14 -80.66 -54.04
N LEU F 167 6.32 -79.81 -54.65
CA LEU F 167 5.33 -79.09 -53.88
C LEU F 167 3.96 -79.73 -54.06
N LYS F 168 3.28 -79.98 -52.95
CA LYS F 168 1.92 -80.53 -52.96
C LYS F 168 0.94 -79.48 -52.47
N VAL F 169 -0.30 -79.54 -52.96
CA VAL F 169 -1.32 -78.63 -52.47
C VAL F 169 -2.63 -79.37 -52.20
N LYS F 170 -3.45 -78.77 -51.35
CA LYS F 170 -4.85 -79.12 -51.21
C LYS F 170 -5.58 -77.79 -51.16
N ILE F 171 -6.45 -77.53 -52.12
CA ILE F 171 -7.15 -76.25 -52.19
C ILE F 171 -8.59 -76.41 -51.72
N ASN F 172 -9.02 -75.49 -50.86
CA ASN F 172 -10.44 -75.33 -50.55
C ASN F 172 -10.68 -73.84 -50.69
N LEU F 173 -11.28 -73.51 -51.82
CA LEU F 173 -11.50 -72.14 -52.23
C LEU F 173 -12.76 -72.09 -53.06
N LYS F 174 -13.28 -70.90 -53.27
CA LYS F 174 -14.43 -70.73 -54.14
C LYS F 174 -14.21 -69.56 -55.07
N GLU F 175 -14.99 -69.56 -56.14
CA GLU F 175 -14.95 -68.46 -57.08
C GLU F 175 -15.67 -67.26 -56.46
N VAL F 176 -15.20 -66.07 -56.81
CA VAL F 176 -15.87 -64.81 -56.45
C VAL F 176 -15.69 -63.72 -57.49
N PRO F 177 -16.70 -62.87 -57.65
CA PRO F 177 -16.59 -61.75 -58.59
C PRO F 177 -15.65 -60.69 -58.04
N VAL F 178 -14.84 -60.12 -58.93
CA VAL F 178 -13.93 -59.02 -58.60
C VAL F 178 -13.88 -58.14 -59.83
N LYS F 179 -13.70 -56.84 -59.58
CA LYS F 179 -13.71 -55.79 -60.58
C LYS F 179 -12.37 -55.08 -60.75
N PHE F 180 -11.98 -54.94 -62.01
CA PHE F 180 -10.78 -54.24 -62.47
C PHE F 180 -11.21 -53.29 -63.58
N LYS F 181 -11.22 -52.01 -63.24
CA LYS F 181 -11.56 -50.89 -64.10
C LYS F 181 -11.15 -51.15 -65.55
N ASN F 182 -12.10 -51.61 -66.37
CA ASN F 182 -13.50 -51.72 -65.95
C ASN F 182 -14.06 -53.10 -66.35
N GLN F 183 -13.23 -53.85 -67.07
CA GLN F 183 -13.49 -55.24 -67.40
C GLN F 183 -13.48 -56.19 -66.20
N ASN F 184 -14.46 -57.09 -66.17
CA ASN F 184 -14.80 -57.88 -64.99
C ASN F 184 -13.98 -59.17 -65.06
N MET F 185 -12.95 -59.29 -64.21
CA MET F 185 -12.16 -60.52 -64.15
C MET F 185 -12.55 -61.35 -62.94
N VAL F 186 -12.62 -62.68 -63.14
CA VAL F 186 -12.89 -63.61 -62.06
C VAL F 186 -11.72 -63.69 -61.08
N GLY F 187 -12.04 -63.96 -59.79
CA GLY F 187 -11.01 -64.21 -58.80
C GLY F 187 -11.52 -65.16 -57.72
N PHE F 188 -10.59 -65.84 -57.06
CA PHE F 188 -10.92 -66.86 -56.07
C PHE F 188 -10.53 -66.44 -54.65
N ARG F 189 -11.38 -66.77 -53.67
CA ARG F 189 -11.05 -66.70 -52.25
C ARG F 189 -11.18 -68.07 -51.59
N GLY F 190 -10.52 -68.25 -50.45
CA GLY F 190 -10.55 -69.53 -49.75
C GLY F 190 -9.27 -69.79 -48.97
N GLU F 191 -9.11 -71.06 -48.58
CA GLU F 191 -7.95 -71.51 -47.82
C GLU F 191 -7.27 -72.64 -48.57
N PHE F 192 -5.99 -72.88 -48.27
CA PHE F 192 -5.29 -73.95 -48.96
C PHE F 192 -4.09 -74.43 -48.15
N TYR F 193 -3.74 -75.70 -48.33
CA TYR F 193 -2.60 -76.33 -47.68
C TYR F 193 -1.51 -76.54 -48.72
N ILE F 194 -0.27 -76.31 -48.33
CA ILE F 194 0.89 -76.61 -49.18
C ILE F 194 2.08 -76.91 -48.30
N ASN F 195 3.04 -77.67 -48.84
CA ASN F 195 4.26 -78.01 -48.13
C ASN F 195 5.36 -76.97 -48.32
N PHE F 196 5.04 -75.80 -48.87
CA PHE F 196 5.94 -74.66 -48.95
C PHE F 196 5.69 -73.71 -47.77
N ASP F 197 6.55 -72.71 -47.62
CA ASP F 197 6.43 -71.77 -46.50
C ASP F 197 6.60 -70.38 -47.08
N ILE F 198 5.54 -69.59 -47.09
CA ILE F 198 5.54 -68.22 -47.59
C ILE F 198 5.36 -67.26 -46.42
N PRO F 199 6.15 -66.21 -46.31
CA PRO F 199 5.89 -65.17 -45.31
C PRO F 199 4.51 -64.54 -45.47
N GLN F 200 4.04 -63.96 -44.38
CA GLN F 200 2.71 -63.38 -44.31
C GLN F 200 2.58 -62.18 -45.23
N TYR F 201 1.39 -62.05 -45.84
CA TYR F 201 0.89 -60.88 -46.56
C TYR F 201 1.45 -60.77 -47.97
N LEU F 202 2.29 -61.70 -48.42
CA LEU F 202 2.87 -61.61 -49.75
C LEU F 202 2.12 -62.48 -50.76
N GLY F 203 2.66 -62.51 -51.97
CA GLY F 203 2.17 -63.33 -53.07
C GLY F 203 0.82 -62.97 -53.65
N ILE F 204 0.32 -63.74 -54.62
CA ILE F 204 0.98 -64.89 -55.27
C ILE F 204 0.40 -64.98 -56.68
N GLY F 205 -0.83 -64.52 -56.83
CA GLY F 205 -1.54 -64.59 -58.09
C GLY F 205 -1.18 -63.41 -58.96
N ARG F 206 -2.05 -63.09 -59.89
CA ARG F 206 -1.82 -61.93 -60.74
C ARG F 206 -2.24 -60.66 -60.03
N ASN F 207 -1.56 -59.56 -60.38
CA ASN F 207 -1.87 -58.24 -59.83
C ASN F 207 -1.49 -58.12 -58.35
N VAL F 208 -0.36 -58.71 -57.97
CA VAL F 208 0.01 -58.77 -56.56
C VAL F 208 0.20 -57.37 -56.01
N SER F 209 0.89 -56.52 -56.78
CA SER F 209 1.18 -55.16 -56.35
C SER F 209 -0.08 -54.52 -55.76
N ARG F 210 -1.12 -54.37 -56.58
CA ARG F 210 -2.35 -53.70 -56.15
C ARG F 210 -3.05 -54.40 -54.99
N GLY F 211 -2.52 -55.54 -54.53
CA GLY F 211 -2.98 -56.17 -53.31
C GLY F 211 -3.74 -57.47 -53.42
N PHE F 212 -3.76 -58.11 -54.59
CA PHE F 212 -4.49 -59.36 -54.78
C PHE F 212 -3.66 -60.57 -54.37
N GLY F 213 -4.33 -61.56 -53.79
CA GLY F 213 -3.66 -62.78 -53.42
C GLY F 213 -3.10 -62.83 -52.01
N THR F 214 -3.38 -61.85 -51.17
CA THR F 214 -2.83 -61.80 -49.82
C THR F 214 -3.10 -63.06 -49.03
N VAL F 215 -2.02 -63.69 -48.57
CA VAL F 215 -2.03 -64.98 -47.89
C VAL F 215 -1.59 -64.84 -46.43
N VAL F 216 -2.44 -65.32 -45.53
CA VAL F 216 -2.11 -65.36 -44.10
C VAL F 216 -1.90 -66.81 -43.72
N LYS F 217 -1.06 -67.06 -42.72
CA LYS F 217 -0.81 -68.43 -42.25
C LYS F 217 -1.86 -69.03 -41.33
N VAL F 218 -2.78 -68.24 -40.75
CA VAL F 218 -3.93 -68.76 -40.00
C VAL F 218 -3.59 -69.98 -39.13
S SO4 J . 14.23 -3.90 24.95
O1 SO4 J . 13.29 -2.83 24.65
O2 SO4 J . 15.17 -4.05 23.85
O3 SO4 J . 14.95 -3.59 26.18
O4 SO4 J . 13.49 -5.14 25.13
S SO4 K . -9.27 6.76 16.18
O1 SO4 K . -8.84 8.11 15.83
O2 SO4 K . -9.84 6.77 17.53
O3 SO4 K . -10.28 6.29 15.23
O4 SO4 K . -8.12 5.86 16.16
S SO4 L . 26.38 -37.33 -21.04
O1 SO4 L . 26.55 -36.85 -19.68
O2 SO4 L . 27.69 -37.43 -21.70
O3 SO4 L . 25.75 -38.65 -21.00
O4 SO4 L . 25.53 -36.41 -21.78
#